data_5HXM
#
_entry.id   5HXM
#
_cell.length_a   166.157
_cell.length_b   102.437
_cell.length_c   74.011
_cell.angle_alpha   90.00
_cell.angle_beta   103.78
_cell.angle_gamma   90.00
#
_symmetry.space_group_name_H-M   'C 1 2 1'
#
loop_
_entity.id
_entity.type
_entity.pdbx_description
1 polymer Alpha-xylosidase
2 branched 'Cyclic alpha-D-glucopyranose-(1-6)-alpha-D-glucopyranose-(1-3)-alpha-D-glucopyranose-(1-6)-alpha-D-glucopyranose'
3 branched alpha-D-glucopyranose-(1-6)-alpha-D-glucopyranose
4 non-polymer 'MAGNESIUM ION'
5 non-polymer 'CALCIUM ION'
6 non-polymer 'CHLORIDE ION'
7 water water
#
_entity_poly.entity_id   1
_entity_poly.type   'polypeptide(L)'
_entity_poly.pdbx_seq_one_letter_code
;(MSE)HHHHHHSSGVDLGTENLYFQSNA(MSE)DGEYHSPYGDDDLYTVQPTERSPRDPKAGEDVILNITTWPIENGQDV
WVEWTKNGVAQENVTAAYDYNSGNNTYWKADLGKFEKGDEITYTTKGSTNGGTAYESGPFTFYVTDWEYVQDVTSVVDNG
DSITLN(MSE)TATAGDFSPKLYLSFEDLDTLR(MSE)ELSPTGKETGHAGKSGYTVEDTAEKVTVTTEDLSIEIQKSPY
R(MSE)EVHQADGTLLTSEYTTANSLGWLTDGKNVINQYQNNF(MSE)TPSDEAFYGFGERYDTINQRGKDVETYVYNEY
QDQAQTERTYLAVPFFVSANKYG(MSE)YVNSDFHSQFQ(MSE)ASKVEDKYSFVLDNDGD(MSE)TN(MSE)LDYYVIS
GKDQNDIVNNYTDITGKTTLLPKWAFGLW(MSE)SANEWDRESDVSSALSNAKANDIPATGFVLEQWSDEETYYIWNNAT
YTAKKNGEAFSYDDFTFNGKWTDPKG(MSE)VDSVHDAG(MSE)NIVLWQVPVLKDDGTVYEQRDNDEEY(MSE)ISQGY
SADDGTGAPYRVPASQWFGNGILLDFTNKDAVDWWTSQREYLLTEVGIDGFKTDGGE(MSE)VWGRDTTFSNGEKGQE
(MSE)RNRYPTDYVSSYFDFAKSINPEAVSFSRSGTSGAQKSGIYWSGDQTSTFDSFQASLKAGLSASTSGVSYWAWD
(MSE)AGFTGDYPTAELYKRATA(MSE)AAFAPI(MSE)QFHSEKSDPSPSEERSPWNAVARTGDETILPTFQKYLYTR
(MSE)NLLPYIYTAAKDTADNGKS(MSE)(MSE)RQ(MSE)A(MSE)DYPEDVNARDLDEQY(MSE)FGDDLLVAPIVQE
GQTEKEVYLPEGEWVDIWNGGVHPGGETISYYADVDTLPVFAKAGAIIP(MSE)N(MSE)TDGYQLGQNVGNDLKSYDNL
TFRVYPSGDSEYSFYDDVNGGE(MSE)RDISVSEDFANEKVSVDLPA(MSE)ADETT(MSE)QVFSTEPTSVTIDGADVA
KADTLDAFNEATTGYYYDTVQNLTYVKAAAKDAKQAIVLNGVNHAPYEAEFGHLTNVTTASDHAGYTGTGFVAGFDAEKE
AVEFDIDAVDGASDYT(MSE)EVRYSAGVEDATRTVYINGKKQQITLPKTANWDTWNTVEVPVTLQAGNNQVVFDFEADD
TAGINFDHVVIKK
;
_entity_poly.pdbx_strand_id   A
#
loop_
_chem_comp.id
_chem_comp.type
_chem_comp.name
_chem_comp.formula
CA non-polymer 'CALCIUM ION' 'Ca 2'
CL non-polymer 'CHLORIDE ION' 'Cl -1'
GLC D-saccharide, alpha linking alpha-D-glucopyranose 'C6 H12 O6'
MG non-polymer 'MAGNESIUM ION' 'Mg 2'
#
# COMPACT_ATOMS: atom_id res chain seq x y z
N MSE A 25 1.26 41.82 -37.35
CA MSE A 25 1.59 40.98 -36.14
C MSE A 25 0.70 41.33 -34.97
O MSE A 25 0.62 42.48 -34.56
CB MSE A 25 3.07 41.12 -35.72
CG MSE A 25 3.56 39.84 -35.05
SE MSE A 25 5.43 39.95 -34.38
CE MSE A 25 6.31 39.22 -36.00
N ASP A 26 0.00 40.32 -34.42
CA ASP A 26 -0.85 40.49 -33.24
C ASP A 26 -0.09 40.09 -31.98
N GLY A 27 1.00 39.34 -32.12
CA GLY A 27 1.80 39.00 -30.95
C GLY A 27 3.03 38.15 -31.17
N GLU A 28 3.73 37.92 -30.05
CA GLU A 28 4.92 37.09 -29.98
C GLU A 28 4.87 36.46 -28.61
N TYR A 29 5.48 35.29 -28.44
CA TYR A 29 5.51 34.63 -27.14
C TYR A 29 6.63 33.64 -26.97
N HIS A 30 7.37 33.73 -25.87
CA HIS A 30 8.34 32.67 -25.44
C HIS A 30 8.30 32.59 -23.92
N SER A 31 8.39 31.37 -23.34
CA SER A 31 8.39 31.23 -21.89
C SER A 31 9.24 29.98 -21.64
N PRO A 32 10.46 30.17 -21.08
CA PRO A 32 11.46 29.12 -21.14
C PRO A 32 11.09 27.79 -20.52
N TYR A 33 10.23 27.82 -19.52
CA TYR A 33 9.90 26.58 -18.81
C TYR A 33 8.51 26.00 -19.09
N GLY A 34 7.71 26.75 -19.83
CA GLY A 34 6.34 26.39 -20.11
C GLY A 34 5.58 26.14 -18.81
N ASP A 35 4.94 24.99 -18.71
CA ASP A 35 4.20 24.65 -17.51
C ASP A 35 5.08 23.84 -16.58
N ASP A 36 6.37 23.68 -16.93
CA ASP A 36 7.35 22.89 -16.16
C ASP A 36 6.97 21.40 -16.07
N ASP A 37 6.22 20.92 -17.05
CA ASP A 37 5.76 19.52 -17.05
C ASP A 37 6.95 18.57 -17.17
N LEU A 38 6.95 17.50 -16.40
CA LEU A 38 8.06 16.53 -16.49
C LEU A 38 8.03 15.72 -17.79
N TYR A 39 6.86 15.42 -18.32
CA TYR A 39 6.76 14.52 -19.46
C TYR A 39 6.61 15.19 -20.82
N THR A 40 6.17 16.43 -20.83
CA THR A 40 5.96 17.09 -22.11
C THR A 40 6.55 18.48 -22.04
N VAL A 41 6.57 19.11 -23.21
CA VAL A 41 7.00 20.50 -23.29
C VAL A 41 5.96 21.29 -24.04
N GLN A 42 5.85 22.57 -23.73
CA GLN A 42 5.06 23.53 -24.55
C GLN A 42 5.95 23.89 -25.74
N PRO A 43 5.33 24.30 -26.84
CA PRO A 43 6.06 24.60 -28.09
C PRO A 43 6.83 25.93 -28.14
N THR A 44 6.89 26.64 -27.00
CA THR A 44 7.63 27.88 -26.91
C THR A 44 8.59 27.89 -25.72
N GLU A 45 9.19 26.73 -25.40
CA GLU A 45 10.16 26.61 -24.31
C GLU A 45 11.62 26.83 -24.76
N ARG A 46 12.50 26.92 -23.78
CA ARG A 46 13.93 26.90 -23.98
C ARG A 46 14.35 25.44 -23.79
N SER A 47 15.22 24.94 -24.65
CA SER A 47 15.75 23.61 -24.53
C SER A 47 17.24 23.71 -24.59
N PRO A 48 17.93 23.21 -23.57
CA PRO A 48 17.43 22.63 -22.31
C PRO A 48 16.85 23.75 -21.43
N ARG A 49 15.90 23.40 -20.57
CA ARG A 49 15.33 24.36 -19.64
C ARG A 49 16.42 25.03 -18.78
N ASP A 50 17.31 24.23 -18.24
CA ASP A 50 18.36 24.67 -17.34
C ASP A 50 19.69 24.26 -17.95
N PRO A 51 20.27 25.11 -18.82
CA PRO A 51 21.51 24.65 -19.48
C PRO A 51 22.75 24.34 -18.63
N LYS A 52 23.43 23.27 -19.01
CA LYS A 52 24.70 22.91 -18.41
C LYS A 52 25.79 23.29 -19.38
N ALA A 53 27.03 23.29 -18.89
CA ALA A 53 28.16 23.63 -19.71
C ALA A 53 28.25 22.70 -20.92
N GLY A 54 28.56 23.27 -22.08
CA GLY A 54 28.73 22.48 -23.29
C GLY A 54 27.45 22.05 -23.97
N GLU A 55 26.29 22.57 -23.56
CA GLU A 55 25.00 22.21 -24.16
C GLU A 55 24.48 23.33 -25.04
N ASP A 56 24.03 22.97 -26.23
CA ASP A 56 23.52 23.95 -27.17
C ASP A 56 22.16 24.48 -26.71
N VAL A 57 22.00 25.80 -26.57
CA VAL A 57 20.75 26.38 -26.07
C VAL A 57 19.82 26.88 -27.19
N ILE A 58 18.62 26.31 -27.24
CA ILE A 58 17.65 26.64 -28.29
C ILE A 58 16.44 27.26 -27.63
N LEU A 59 16.00 28.36 -28.23
CA LEU A 59 14.81 29.08 -27.82
C LEU A 59 13.69 28.93 -28.87
N ASN A 60 12.60 28.31 -28.45
CA ASN A 60 11.43 28.11 -29.29
C ASN A 60 10.54 29.30 -29.09
N ILE A 61 10.28 30.03 -30.19
CA ILE A 61 9.48 31.24 -30.11
C ILE A 61 8.28 31.23 -31.10
N THR A 62 7.15 31.79 -30.70
CA THR A 62 6.01 31.85 -31.62
C THR A 62 5.55 33.25 -31.93
N THR A 63 5.08 33.46 -33.16
CA THR A 63 4.48 34.69 -33.59
C THR A 63 3.13 34.36 -34.25
N TRP A 64 2.21 35.33 -34.22
CA TRP A 64 0.90 35.20 -34.86
C TRP A 64 0.41 36.57 -35.33
N PRO A 65 -0.38 36.63 -36.42
CA PRO A 65 -0.79 35.51 -37.23
C PRO A 65 0.34 35.13 -38.18
N ILE A 66 0.11 34.15 -39.04
CA ILE A 66 1.12 33.73 -40.01
C ILE A 66 1.07 34.77 -41.10
N GLU A 67 2.22 35.36 -41.41
CA GLU A 67 2.28 36.49 -42.31
C GLU A 67 3.71 36.67 -42.85
N ASN A 68 3.83 37.04 -44.13
CA ASN A 68 5.14 37.29 -44.73
C ASN A 68 5.77 38.57 -44.15
N GLY A 69 7.09 38.66 -44.26
CA GLY A 69 7.82 39.83 -43.76
C GLY A 69 7.95 39.88 -42.25
N GLN A 70 7.98 38.73 -41.59
CA GLN A 70 8.16 38.73 -40.13
C GLN A 70 9.62 38.53 -39.77
N ASP A 71 10.06 39.20 -38.70
CA ASP A 71 11.42 39.07 -38.19
C ASP A 71 11.36 38.68 -36.74
N VAL A 72 12.11 37.67 -36.35
CA VAL A 72 12.15 37.26 -34.96
C VAL A 72 13.61 37.20 -34.52
N TRP A 73 13.91 37.79 -33.36
CA TRP A 73 15.28 37.82 -32.89
C TRP A 73 15.42 37.85 -31.38
N VAL A 74 16.66 37.70 -30.92
CA VAL A 74 16.96 37.69 -29.52
C VAL A 74 17.97 38.80 -29.16
N GLU A 75 17.64 39.61 -28.17
CA GLU A 75 18.58 40.61 -27.66
C GLU A 75 19.08 40.04 -26.35
N TRP A 76 20.38 40.03 -26.12
CA TRP A 76 20.90 39.37 -24.91
C TRP A 76 22.28 39.83 -24.48
N THR A 77 22.65 39.46 -23.27
CA THR A 77 23.94 39.74 -22.67
C THR A 77 24.50 38.44 -22.13
N LYS A 78 25.83 38.34 -22.14
CA LYS A 78 26.53 37.22 -21.52
C LYS A 78 27.44 37.84 -20.48
N ASN A 79 27.26 37.48 -19.23
CA ASN A 79 28.06 38.02 -18.13
C ASN A 79 28.06 39.56 -18.12
N GLY A 80 26.88 40.14 -18.32
CA GLY A 80 26.69 41.57 -18.33
C GLY A 80 27.11 42.32 -19.60
N VAL A 81 27.70 41.63 -20.57
CA VAL A 81 28.16 42.27 -21.81
C VAL A 81 27.19 41.99 -22.95
N ALA A 82 26.77 43.05 -23.64
CA ALA A 82 25.82 42.91 -24.75
C ALA A 82 26.41 42.10 -25.88
N GLN A 83 25.62 41.20 -26.45
CA GLN A 83 26.07 40.35 -27.55
C GLN A 83 25.40 40.82 -28.82
N GLU A 84 25.89 40.36 -29.95
CA GLU A 84 25.25 40.62 -31.23
C GLU A 84 23.91 39.86 -31.21
N ASN A 85 22.84 40.50 -31.68
CA ASN A 85 21.52 39.87 -31.77
C ASN A 85 21.58 38.52 -32.49
N VAL A 86 20.75 37.56 -32.05
CA VAL A 86 20.67 36.28 -32.73
C VAL A 86 19.32 36.27 -33.43
N THR A 87 19.36 35.91 -34.70
CA THR A 87 18.18 35.85 -35.54
C THR A 87 17.58 34.43 -35.49
N ALA A 88 16.26 34.36 -35.35
CA ALA A 88 15.56 33.08 -35.30
C ALA A 88 15.17 32.71 -36.72
N ALA A 89 15.13 31.41 -36.97
CA ALA A 89 14.76 30.85 -38.26
C ALA A 89 13.45 30.07 -38.05
N TYR A 90 12.64 29.95 -39.11
CA TYR A 90 11.36 29.29 -39.01
C TYR A 90 11.54 27.80 -38.78
N ASP A 91 10.56 27.20 -38.13
CA ASP A 91 10.59 25.79 -37.82
C ASP A 91 9.43 25.17 -38.58
N TYR A 92 8.22 25.59 -38.23
CA TYR A 92 7.00 25.12 -38.86
C TYR A 92 5.90 26.10 -38.50
N ASN A 93 4.81 26.03 -39.25
CA ASN A 93 3.56 26.72 -38.92
C ASN A 93 2.48 25.72 -38.42
N SER A 94 1.60 26.18 -37.54
CA SER A 94 0.48 25.40 -37.08
C SER A 94 -0.63 26.32 -36.63
N GLY A 95 -1.83 26.10 -37.15
CA GLY A 95 -2.99 26.93 -36.81
C GLY A 95 -2.77 28.35 -37.29
N ASN A 96 -2.94 29.30 -36.36
CA ASN A 96 -2.76 30.74 -36.58
C ASN A 96 -1.31 31.21 -36.31
N ASN A 97 -0.39 30.29 -36.06
CA ASN A 97 0.97 30.64 -35.67
C ASN A 97 2.16 30.06 -36.42
N THR A 98 3.26 30.84 -36.38
CA THR A 98 4.56 30.46 -36.86
C THR A 98 5.47 30.14 -35.63
N TYR A 99 6.22 29.04 -35.69
CA TYR A 99 7.15 28.61 -34.62
C TYR A 99 8.60 28.71 -35.11
N TRP A 100 9.44 29.32 -34.28
CA TRP A 100 10.83 29.60 -34.61
C TRP A 100 11.83 29.10 -33.62
N LYS A 101 13.06 28.89 -34.09
CA LYS A 101 14.16 28.45 -33.25
C LYS A 101 15.32 29.44 -33.35
N ALA A 102 15.75 29.93 -32.19
CA ALA A 102 16.89 30.84 -32.09
C ALA A 102 17.99 30.05 -31.40
N ASP A 103 19.14 29.98 -32.05
CA ASP A 103 20.27 29.21 -31.52
C ASP A 103 21.27 30.12 -30.83
N LEU A 104 21.36 30.03 -29.51
CA LEU A 104 22.30 30.84 -28.72
C LEU A 104 23.69 30.24 -28.64
N GLY A 105 23.83 28.98 -29.05
CA GLY A 105 25.10 28.28 -28.96
C GLY A 105 25.31 27.64 -27.60
N LYS A 106 26.55 27.26 -27.33
CA LYS A 106 26.97 26.62 -26.08
C LYS A 106 27.66 27.60 -25.16
N PHE A 107 27.69 27.29 -23.86
CA PHE A 107 28.30 28.17 -22.87
C PHE A 107 29.18 27.42 -21.89
N GLU A 108 29.93 28.16 -21.09
CA GLU A 108 30.82 27.59 -20.08
C GLU A 108 30.23 27.73 -18.68
N LYS A 109 30.66 26.87 -17.76
CA LYS A 109 30.21 26.94 -16.35
C LYS A 109 30.50 28.34 -15.80
N GLY A 110 29.48 28.98 -15.23
CA GLY A 110 29.65 30.34 -14.67
C GLY A 110 28.97 31.42 -15.50
N ASP A 111 28.78 31.19 -16.80
CA ASP A 111 28.15 32.17 -17.69
C ASP A 111 26.71 32.48 -17.24
N GLU A 112 26.42 33.76 -17.16
CA GLU A 112 25.10 34.26 -16.80
C GLU A 112 24.58 34.87 -18.06
N ILE A 113 23.44 34.40 -18.52
CA ILE A 113 22.86 34.83 -19.78
C ILE A 113 21.51 35.45 -19.53
N THR A 114 21.28 36.64 -20.08
CA THR A 114 20.00 37.32 -19.91
C THR A 114 19.49 37.70 -21.28
N TYR A 115 18.23 37.36 -21.60
CA TYR A 115 17.74 37.58 -22.95
C TYR A 115 16.30 37.97 -23.03
N THR A 116 15.99 38.65 -24.14
CA THR A 116 14.63 39.02 -24.44
C THR A 116 14.39 38.59 -25.87
N THR A 117 13.30 37.86 -26.07
CA THR A 117 12.88 37.45 -27.41
C THR A 117 11.96 38.52 -27.95
N LYS A 118 12.12 38.77 -29.24
CA LYS A 118 11.36 39.82 -29.92
C LYS A 118 10.93 39.38 -31.28
N GLY A 119 9.80 39.94 -31.72
CA GLY A 119 9.24 39.73 -33.03
C GLY A 119 8.68 41.07 -33.54
N SER A 120 8.71 41.26 -34.85
N SER A 120 8.71 41.28 -34.84
CA SER A 120 8.19 42.48 -35.49
CA SER A 120 8.11 42.48 -35.46
C SER A 120 7.88 42.14 -36.93
C SER A 120 7.92 42.21 -36.93
N THR A 121 6.96 42.89 -37.54
CA THR A 121 6.63 42.72 -38.95
C THR A 121 6.92 44.04 -39.64
N ASN A 122 7.89 44.00 -40.57
CA ASN A 122 8.31 45.15 -41.41
C ASN A 122 8.76 46.43 -40.71
N GLY A 123 9.58 46.27 -39.68
CA GLY A 123 10.12 47.40 -38.94
C GLY A 123 9.15 48.04 -37.98
N GLY A 124 7.92 47.52 -37.89
CA GLY A 124 6.89 48.09 -37.02
C GLY A 124 6.99 47.76 -35.53
N THR A 125 5.81 47.57 -34.91
CA THR A 125 5.65 47.23 -33.48
C THR A 125 6.43 46.01 -33.04
N ALA A 126 7.46 46.20 -32.24
CA ALA A 126 8.16 45.02 -31.70
C ALA A 126 7.36 44.50 -30.51
N TYR A 127 7.10 43.21 -30.50
CA TYR A 127 6.45 42.56 -29.36
C TYR A 127 7.55 41.75 -28.70
N GLU A 128 7.48 41.55 -27.38
CA GLU A 128 8.56 40.86 -26.69
C GLU A 128 8.18 40.05 -25.47
N SER A 129 9.08 39.12 -25.14
CA SER A 129 8.96 38.29 -23.97
C SER A 129 10.29 38.33 -23.22
N GLY A 130 10.22 38.42 -21.88
CA GLY A 130 11.40 38.48 -21.08
C GLY A 130 11.45 39.77 -20.26
N PRO A 131 12.60 40.07 -19.64
CA PRO A 131 13.83 39.34 -19.77
C PRO A 131 13.86 38.06 -18.98
N PHE A 132 14.66 37.11 -19.46
CA PHE A 132 14.82 35.82 -18.82
C PHE A 132 16.30 35.63 -18.58
N THR A 133 16.66 35.05 -17.44
CA THR A 133 18.07 34.83 -17.09
C THR A 133 18.29 33.36 -16.77
N PHE A 134 19.42 32.78 -17.20
CA PHE A 134 19.81 31.46 -16.74
C PHE A 134 21.28 31.44 -16.39
N TYR A 135 21.69 30.58 -15.46
CA TYR A 135 23.10 30.47 -15.09
C TYR A 135 23.55 29.09 -15.51
N VAL A 136 24.64 29.04 -16.24
CA VAL A 136 25.18 27.80 -16.80
C VAL A 136 25.95 27.04 -15.73
N THR A 137 25.58 25.78 -15.56
CA THR A 137 26.10 24.96 -14.49
C THR A 137 26.96 23.78 -14.90
N ASP A 138 27.64 23.21 -13.93
CA ASP A 138 28.30 21.94 -14.16
C ASP A 138 28.44 21.26 -12.81
N TRP A 139 28.67 19.96 -12.85
CA TRP A 139 28.78 19.16 -11.64
C TRP A 139 30.09 19.35 -10.87
N GLU A 140 29.97 19.47 -9.55
CA GLU A 140 31.11 19.49 -8.63
C GLU A 140 30.86 18.31 -7.71
N TYR A 141 31.92 17.58 -7.36
CA TYR A 141 31.79 16.43 -6.50
C TYR A 141 32.73 16.48 -5.30
N VAL A 142 32.35 15.79 -4.25
CA VAL A 142 33.20 15.62 -3.08
C VAL A 142 34.44 14.82 -3.47
N GLN A 143 35.62 15.33 -3.09
CA GLN A 143 36.88 14.65 -3.35
C GLN A 143 37.36 13.92 -2.09
N ASP A 144 37.97 14.65 -1.15
CA ASP A 144 38.53 14.07 0.06
C ASP A 144 37.95 14.65 1.34
N VAL A 145 38.03 13.88 2.43
CA VAL A 145 37.70 14.37 3.77
C VAL A 145 39.02 14.96 4.29
N THR A 146 39.10 16.27 4.51
CA THR A 146 40.34 16.88 5.03
C THR A 146 40.40 16.83 6.57
N SER A 147 39.25 16.95 7.22
CA SER A 147 39.19 16.84 8.67
C SER A 147 37.79 16.41 9.13
N VAL A 148 37.79 15.81 10.32
CA VAL A 148 36.58 15.31 10.97
C VAL A 148 36.47 16.01 12.31
N VAL A 149 35.29 16.55 12.63
CA VAL A 149 35.05 17.20 13.90
C VAL A 149 33.87 16.51 14.56
N ASP A 150 34.10 15.90 15.72
CA ASP A 150 33.05 15.24 16.46
C ASP A 150 32.53 16.20 17.53
N ASN A 151 31.29 16.63 17.34
CA ASN A 151 30.57 17.52 18.23
C ASN A 151 29.65 16.81 19.25
N GLY A 152 29.78 15.49 19.39
CA GLY A 152 29.01 14.79 20.45
C GLY A 152 27.64 14.31 20.04
N ASP A 153 26.88 15.16 19.36
CA ASP A 153 25.57 14.79 18.84
C ASP A 153 25.47 14.94 17.31
N SER A 154 26.62 15.18 16.70
CA SER A 154 26.75 15.38 15.30
C SER A 154 28.22 15.30 14.95
N ILE A 155 28.51 14.93 13.70
CA ILE A 155 29.87 14.81 13.19
C ILE A 155 29.95 15.61 11.90
N THR A 156 30.96 16.46 11.81
CA THR A 156 31.19 17.24 10.63
C THR A 156 32.37 16.66 9.88
N LEU A 157 32.19 16.40 8.58
CA LEU A 157 33.26 15.99 7.68
C LEU A 157 33.54 17.19 6.76
N ASN A 158 34.72 17.80 6.90
CA ASN A 158 35.13 18.94 6.05
C ASN A 158 35.74 18.31 4.84
N MSE A 159 35.32 18.76 3.66
N MSE A 159 35.35 18.76 3.65
CA MSE A 159 35.77 18.15 2.42
CA MSE A 159 35.86 18.12 2.45
C MSE A 159 36.37 19.07 1.41
C MSE A 159 36.37 19.05 1.41
O MSE A 159 36.27 20.28 1.54
O MSE A 159 36.19 20.27 1.51
CB MSE A 159 34.53 17.64 1.71
CB MSE A 159 34.70 17.35 1.84
CG MSE A 159 33.54 16.93 2.61
CG MSE A 159 34.13 16.32 2.79
SE MSE A 159 34.18 15.09 2.77
SE MSE A 159 32.27 16.02 2.25
CE MSE A 159 32.47 14.10 2.88
CE MSE A 159 32.38 14.08 2.60
N THR A 160 37.02 18.47 0.41
CA THR A 160 37.51 19.22 -0.78
C THR A 160 36.54 18.83 -1.87
N ALA A 161 36.53 19.58 -2.97
CA ALA A 161 35.64 19.30 -4.10
C ALA A 161 36.50 19.04 -5.34
N THR A 162 35.96 18.33 -6.32
CA THR A 162 36.72 18.02 -7.54
C THR A 162 36.92 19.26 -8.42
N ALA A 163 36.11 20.28 -8.19
CA ALA A 163 36.18 21.49 -9.01
C ALA A 163 35.51 22.64 -8.26
N GLY A 164 35.78 23.85 -8.69
CA GLY A 164 35.18 25.02 -8.06
C GLY A 164 35.87 25.35 -6.78
N ASP A 165 35.43 26.43 -6.15
CA ASP A 165 36.09 26.92 -4.95
C ASP A 165 35.28 26.83 -3.66
N PHE A 166 34.33 25.90 -3.58
CA PHE A 166 33.60 25.74 -2.32
C PHE A 166 34.41 24.92 -1.34
N SER A 167 34.03 25.04 -0.07
N SER A 167 34.05 25.04 -0.07
CA SER A 167 34.57 24.25 1.02
CA SER A 167 34.63 24.20 0.97
C SER A 167 33.37 23.52 1.62
C SER A 167 33.43 23.50 1.63
N PRO A 168 33.01 22.36 1.04
CA PRO A 168 31.82 21.63 1.51
C PRO A 168 31.95 20.95 2.85
N LYS A 169 30.78 20.76 3.48
CA LYS A 169 30.65 20.06 4.75
C LYS A 169 29.55 19.02 4.69
N LEU A 170 29.87 17.80 5.06
CA LEU A 170 28.88 16.75 5.15
C LEU A 170 28.70 16.47 6.63
N TYR A 171 27.46 16.62 7.12
CA TYR A 171 27.14 16.32 8.51
C TYR A 171 26.44 14.99 8.69
N LEU A 172 26.88 14.22 9.68
CA LEU A 172 26.27 12.94 10.03
C LEU A 172 25.63 13.05 11.40
N SER A 173 24.43 12.52 11.55
CA SER A 173 23.75 12.46 12.83
C SER A 173 22.88 11.21 12.84
N PHE A 174 22.45 10.84 14.02
CA PHE A 174 21.60 9.66 14.19
C PHE A 174 20.20 10.02 14.66
N GLU A 175 19.21 9.80 13.80
CA GLU A 175 17.79 10.02 14.15
C GLU A 175 17.46 8.98 15.23
N ASP A 176 18.08 7.81 15.09
CA ASP A 176 18.09 6.80 16.15
C ASP A 176 19.38 6.01 15.90
N LEU A 177 19.70 5.06 16.79
CA LEU A 177 20.97 4.31 16.66
C LEU A 177 21.04 3.45 15.42
N ASP A 178 19.88 3.11 14.85
CA ASP A 178 19.80 2.33 13.61
C ASP A 178 19.40 3.18 12.38
N THR A 179 19.40 4.50 12.52
CA THR A 179 18.94 5.38 11.45
C THR A 179 19.89 6.57 11.30
N LEU A 180 20.62 6.57 10.18
CA LEU A 180 21.68 7.53 9.88
C LEU A 180 21.14 8.65 8.99
N ARG A 181 21.47 9.87 9.34
CA ARG A 181 21.02 11.06 8.58
C ARG A 181 22.25 11.77 8.04
N MSE A 182 22.20 12.11 6.74
N MSE A 182 22.20 12.09 6.73
CA MSE A 182 23.30 12.83 6.11
CA MSE A 182 23.27 12.79 6.04
C MSE A 182 22.79 14.13 5.57
C MSE A 182 22.78 14.13 5.58
O MSE A 182 21.77 14.17 4.89
O MSE A 182 21.72 14.21 4.97
CB MSE A 182 23.84 11.92 5.03
CB MSE A 182 23.65 11.96 4.81
CG MSE A 182 24.26 10.64 5.71
CG MSE A 182 25.01 11.29 4.94
SE MSE A 182 24.76 9.35 4.33
SE MSE A 182 24.86 9.71 6.11
CE MSE A 182 26.30 10.38 3.68
CE MSE A 182 23.16 8.97 5.43
N GLU A 183 23.51 15.20 5.87
CA GLU A 183 23.14 16.54 5.45
C GLU A 183 24.37 17.18 4.84
N LEU A 184 24.26 17.54 3.56
CA LEU A 184 25.37 18.11 2.82
C LEU A 184 25.17 19.60 2.53
N SER A 185 26.17 20.38 2.91
CA SER A 185 26.21 21.80 2.63
C SER A 185 27.39 22.01 1.69
N PRO A 186 27.12 22.11 0.38
CA PRO A 186 28.16 22.35 -0.61
C PRO A 186 29.05 23.55 -0.32
N THR A 187 28.47 24.67 0.11
CA THR A 187 29.27 25.89 0.43
C THR A 187 29.87 25.80 1.82
N GLY A 188 29.33 24.96 2.67
CA GLY A 188 29.81 24.86 4.03
C GLY A 188 29.23 25.90 4.95
N LYS A 189 28.35 26.76 4.45
CA LYS A 189 27.76 27.82 5.26
C LYS A 189 26.58 27.36 6.10
N GLU A 190 26.07 26.15 5.86
CA GLU A 190 24.96 25.65 6.63
C GLU A 190 25.47 24.61 7.61
N THR A 191 24.67 24.34 8.62
CA THR A 191 25.05 23.39 9.67
C THR A 191 23.97 22.34 9.81
N GLY A 192 24.38 21.08 10.02
CA GLY A 192 23.43 19.97 10.17
C GLY A 192 22.75 19.99 11.52
N HIS A 193 21.82 19.06 11.75
CA HIS A 193 21.05 18.98 12.99
C HIS A 193 21.61 17.95 13.94
N ALA A 194 21.32 18.14 15.23
CA ALA A 194 21.75 17.23 16.27
C ALA A 194 20.94 15.96 16.14
N GLY A 195 21.51 14.87 16.66
CA GLY A 195 20.85 13.59 16.74
C GLY A 195 21.27 12.89 18.04
N LYS A 196 21.14 11.59 18.09
CA LYS A 196 21.50 10.81 19.26
C LYS A 196 23.00 10.85 19.51
N SER A 197 23.39 10.82 20.78
N SER A 197 23.39 10.83 20.78
CA SER A 197 24.79 10.89 21.16
CA SER A 197 24.80 10.88 21.14
C SER A 197 25.44 9.52 21.39
C SER A 197 25.43 9.52 21.43
N GLY A 198 24.65 8.45 21.36
CA GLY A 198 25.18 7.10 21.63
C GLY A 198 26.05 6.50 20.54
N TYR A 199 27.05 7.24 20.04
CA TYR A 199 27.95 6.70 19.03
C TYR A 199 29.37 6.86 19.49
N THR A 200 30.26 6.06 18.93
CA THR A 200 31.70 6.17 19.17
C THR A 200 32.35 6.39 17.80
N VAL A 201 33.50 7.07 17.81
CA VAL A 201 34.27 7.33 16.62
C VAL A 201 35.74 6.88 16.71
N GLU A 202 36.22 6.17 15.69
N GLU A 202 36.19 6.14 15.70
CA GLU A 202 37.61 5.74 15.61
CA GLU A 202 37.59 5.72 15.55
C GLU A 202 38.17 6.43 14.36
C GLU A 202 38.09 6.48 14.32
N ASP A 203 38.77 7.60 14.55
CA ASP A 203 39.29 8.45 13.47
C ASP A 203 40.79 8.22 13.23
N THR A 204 41.18 7.90 12.00
CA THR A 204 42.58 7.68 11.67
C THR A 204 42.94 8.53 10.45
N ALA A 205 44.19 8.49 10.02
CA ALA A 205 44.63 9.31 8.88
C ALA A 205 43.92 9.02 7.55
N GLU A 206 43.60 7.74 7.30
CA GLU A 206 42.97 7.34 6.03
C GLU A 206 41.50 7.00 6.15
N LYS A 207 40.94 6.99 7.35
CA LYS A 207 39.57 6.52 7.53
C LYS A 207 38.95 6.88 8.86
N VAL A 208 37.63 7.03 8.84
CA VAL A 208 36.89 7.30 10.07
C VAL A 208 35.75 6.30 10.13
N THR A 209 35.61 5.67 11.28
CA THR A 209 34.55 4.71 11.52
C THR A 209 33.62 5.23 12.63
N VAL A 210 32.32 5.28 12.37
CA VAL A 210 31.35 5.77 13.35
C VAL A 210 30.47 4.57 13.68
N THR A 211 30.40 4.26 14.96
CA THR A 211 29.72 3.06 15.42
C THR A 211 28.66 3.31 16.50
N THR A 212 27.52 2.65 16.35
CA THR A 212 26.49 2.58 17.41
C THR A 212 26.28 1.09 17.64
N GLU A 213 25.38 0.75 18.56
CA GLU A 213 25.11 -0.65 18.77
C GLU A 213 24.39 -1.29 17.58
N ASP A 214 23.85 -0.49 16.65
CA ASP A 214 23.14 -1.04 15.48
C ASP A 214 23.84 -0.87 14.15
N LEU A 215 24.75 0.09 14.05
CA LEU A 215 25.41 0.37 12.78
C LEU A 215 26.90 0.56 12.93
N SER A 216 27.61 0.29 11.84
CA SER A 216 29.04 0.59 11.73
C SER A 216 29.18 1.34 10.41
N ILE A 217 29.52 2.63 10.48
CA ILE A 217 29.65 3.47 9.29
C ILE A 217 31.14 3.67 8.98
N GLU A 218 31.64 3.04 7.93
CA GLU A 218 33.07 3.13 7.54
C GLU A 218 33.24 4.13 6.43
N ILE A 219 34.13 5.09 6.62
CA ILE A 219 34.33 6.14 5.64
C ILE A 219 35.79 6.32 5.26
N GLN A 220 36.15 5.96 4.03
CA GLN A 220 37.52 6.19 3.52
C GLN A 220 37.62 7.69 3.31
N LYS A 221 38.77 8.27 3.61
CA LYS A 221 38.94 9.73 3.50
C LYS A 221 39.47 10.23 2.18
N SER A 222 40.26 9.43 1.51
CA SER A 222 40.89 9.84 0.28
C SER A 222 40.92 8.74 -0.78
N PRO A 223 39.99 8.76 -1.74
CA PRO A 223 38.85 9.68 -1.87
C PRO A 223 37.75 9.32 -0.91
N TYR A 224 36.89 10.29 -0.62
CA TYR A 224 35.76 10.08 0.29
C TYR A 224 34.85 8.97 -0.24
N ARG A 225 34.52 8.03 0.63
CA ARG A 225 33.60 6.95 0.25
C ARG A 225 33.04 6.29 1.49
N MSE A 226 31.71 6.22 1.56
CA MSE A 226 31.01 5.67 2.71
C MSE A 226 30.46 4.28 2.47
O MSE A 226 29.93 4.00 1.43
CB MSE A 226 29.81 6.57 3.04
CG MSE A 226 28.96 6.00 4.18
SE MSE A 226 27.48 7.20 4.70
CE MSE A 226 28.61 8.74 5.12
N GLU A 227 30.61 3.41 3.47
CA GLU A 227 29.98 2.10 3.49
C GLU A 227 29.14 2.03 4.76
N VAL A 228 27.91 1.54 4.66
CA VAL A 228 27.02 1.43 5.79
C VAL A 228 26.88 -0.06 6.12
N HIS A 229 27.31 -0.42 7.31
CA HIS A 229 27.30 -1.80 7.77
C HIS A 229 26.44 -1.92 9.01
N GLN A 230 25.97 -3.13 9.31
CA GLN A 230 25.27 -3.41 10.54
C GLN A 230 26.39 -3.55 11.55
N ALA A 231 26.05 -3.46 12.83
CA ALA A 231 27.04 -3.59 13.90
C ALA A 231 27.88 -4.86 13.76
N ASP A 232 27.28 -5.97 13.34
CA ASP A 232 28.04 -7.20 13.16
C ASP A 232 28.96 -7.20 11.91
N GLY A 233 29.02 -6.10 11.17
CA GLY A 233 29.91 -6.02 10.00
C GLY A 233 29.28 -6.30 8.63
N THR A 234 28.05 -6.81 8.60
CA THR A 234 27.36 -7.13 7.37
C THR A 234 27.06 -5.83 6.59
N LEU A 235 27.43 -5.83 5.33
CA LEU A 235 27.27 -4.68 4.51
C LEU A 235 25.81 -4.46 4.15
N LEU A 236 25.32 -3.23 4.31
CA LEU A 236 23.95 -2.88 3.93
C LEU A 236 23.99 -2.28 2.53
N THR A 237 24.67 -1.14 2.37
CA THR A 237 24.86 -0.50 1.05
C THR A 237 26.11 0.37 1.10
N SER A 238 26.52 0.92 -0.04
CA SER A 238 27.74 1.73 -0.12
C SER A 238 27.77 2.63 -1.34
N GLU A 239 28.52 3.72 -1.24
CA GLU A 239 28.65 4.64 -2.36
C GLU A 239 29.43 3.91 -3.44
N TYR A 240 29.33 4.42 -4.66
CA TYR A 240 29.91 3.75 -5.80
C TYR A 240 31.42 3.59 -5.69
N THR A 241 31.88 2.45 -6.22
CA THR A 241 33.26 1.97 -6.17
C THR A 241 34.29 2.98 -6.58
N THR A 242 33.98 3.79 -7.60
CA THR A 242 34.92 4.79 -8.08
C THR A 242 34.96 6.08 -7.24
N ALA A 243 34.13 6.19 -6.20
CA ALA A 243 34.10 7.38 -5.32
C ALA A 243 33.66 8.63 -6.10
N ASN A 244 33.89 9.85 -5.56
CA ASN A 244 33.36 11.09 -6.20
C ASN A 244 31.86 10.89 -6.54
N SER A 245 31.18 10.22 -5.62
CA SER A 245 29.82 9.79 -5.82
C SER A 245 28.82 10.90 -5.50
N LEU A 246 29.18 11.70 -4.52
CA LEU A 246 28.28 12.73 -4.00
C LEU A 246 28.55 14.09 -4.64
N GLY A 247 27.52 14.67 -5.27
CA GLY A 247 27.68 15.94 -5.97
C GLY A 247 26.50 16.89 -5.99
N TRP A 248 26.77 18.10 -6.51
CA TRP A 248 25.81 19.19 -6.67
C TRP A 248 26.11 19.85 -8.04
N LEU A 249 25.08 20.42 -8.65
CA LEU A 249 25.14 21.04 -9.96
C LEU A 249 25.07 22.55 -9.76
N THR A 250 26.11 23.28 -10.17
CA THR A 250 26.20 24.71 -9.86
C THR A 250 26.96 25.56 -10.85
N ASP A 251 26.68 26.87 -10.84
CA ASP A 251 27.45 27.81 -11.67
C ASP A 251 28.59 28.40 -10.81
N GLY A 252 28.65 27.99 -9.55
CA GLY A 252 29.69 28.42 -8.64
C GLY A 252 29.43 29.74 -7.94
N LYS A 253 28.38 30.45 -8.34
CA LYS A 253 28.13 31.80 -7.82
C LYS A 253 26.70 32.07 -7.37
N ASN A 254 25.73 31.61 -8.13
CA ASN A 254 24.35 31.95 -7.84
C ASN A 254 23.42 30.79 -7.51
N VAL A 255 23.57 29.65 -8.19
CA VAL A 255 22.63 28.57 -8.05
C VAL A 255 23.21 27.20 -7.81
N ILE A 256 22.44 26.38 -7.07
CA ILE A 256 22.66 24.92 -6.94
C ILE A 256 21.32 24.34 -7.41
N ASN A 257 21.32 23.71 -8.59
CA ASN A 257 20.08 23.20 -9.21
C ASN A 257 19.75 21.71 -9.00
N GLN A 258 20.75 20.91 -8.66
CA GLN A 258 20.51 19.49 -8.44
C GLN A 258 21.57 18.93 -7.54
N TYR A 259 21.23 17.79 -6.96
CA TYR A 259 22.15 17.03 -6.17
C TYR A 259 22.12 15.59 -6.67
N GLN A 260 23.22 14.86 -6.48
CA GLN A 260 23.17 13.42 -6.73
C GLN A 260 24.07 12.61 -5.78
N ASN A 261 23.73 11.34 -5.59
CA ASN A 261 24.67 10.41 -4.99
C ASN A 261 24.50 9.09 -5.78
N ASN A 262 25.56 8.28 -5.73
CA ASN A 262 25.69 7.04 -6.49
C ASN A 262 26.18 5.96 -5.58
N PHE A 263 25.59 4.78 -5.73
CA PHE A 263 25.80 3.64 -4.86
C PHE A 263 25.99 2.34 -5.61
N MSE A 264 26.69 1.42 -4.96
N MSE A 264 26.76 1.42 -5.03
CA MSE A 264 26.97 0.13 -5.54
CA MSE A 264 27.00 0.14 -5.69
C MSE A 264 25.87 -0.84 -5.21
C MSE A 264 25.96 -0.85 -5.24
O MSE A 264 25.41 -0.87 -4.07
O MSE A 264 25.65 -0.94 -4.06
CB MSE A 264 28.26 -0.33 -4.89
CB MSE A 264 28.42 -0.37 -5.46
CG MSE A 264 29.35 -0.31 -5.95
CG MSE A 264 28.47 -1.38 -4.33
SE MSE A 264 29.41 -2.10 -6.75
SE MSE A 264 28.17 -3.25 -4.91
CE MSE A 264 28.50 -3.08 -5.31
CE MSE A 264 28.48 -3.15 -6.84
N THR A 265 25.45 -1.62 -6.20
CA THR A 265 24.40 -2.62 -5.97
C THR A 265 24.72 -3.92 -6.70
N PRO A 266 24.76 -5.03 -5.94
CA PRO A 266 25.06 -6.32 -6.57
C PRO A 266 23.88 -6.71 -7.48
N SER A 267 24.12 -7.65 -8.40
N SER A 267 24.13 -7.66 -8.39
CA SER A 267 23.12 -8.06 -9.40
CA SER A 267 23.13 -8.05 -9.40
C SER A 267 21.78 -8.52 -8.85
C SER A 267 21.79 -8.51 -8.85
N ASP A 268 21.79 -9.16 -7.69
CA ASP A 268 20.56 -9.67 -7.09
C ASP A 268 19.74 -8.72 -6.19
N GLU A 269 20.18 -7.49 -5.97
CA GLU A 269 19.44 -6.61 -5.07
C GLU A 269 18.08 -6.19 -5.67
N ALA A 270 17.05 -6.31 -4.86
CA ALA A 270 15.71 -5.94 -5.23
C ALA A 270 15.34 -4.67 -4.49
N PHE A 271 14.57 -3.81 -5.16
CA PHE A 271 14.20 -2.50 -4.59
C PHE A 271 12.70 -2.27 -4.58
N TYR A 272 12.13 -2.10 -3.38
CA TYR A 272 10.68 -2.00 -3.22
C TYR A 272 10.19 -0.58 -2.81
N GLY A 273 8.94 -0.28 -3.13
CA GLY A 273 8.28 0.92 -2.65
C GLY A 273 8.21 2.03 -3.68
N PHE A 274 8.75 3.19 -3.31
CA PHE A 274 8.80 4.41 -4.13
C PHE A 274 7.41 5.03 -4.28
N GLY A 275 6.55 4.76 -3.30
CA GLY A 275 5.16 5.22 -3.33
C GLY A 275 4.30 4.08 -3.90
N GLU A 276 3.31 4.46 -4.69
CA GLU A 276 2.39 3.53 -5.30
C GLU A 276 2.79 3.32 -6.76
N ARG A 277 3.23 2.11 -7.08
CA ARG A 277 3.75 1.77 -8.42
C ARG A 277 2.93 0.66 -9.05
N TYR A 278 2.59 0.83 -10.34
CA TYR A 278 1.66 -0.03 -11.07
C TYR A 278 2.29 -1.03 -12.07
N ASP A 279 3.55 -0.78 -12.40
CA ASP A 279 4.29 -1.56 -13.37
C ASP A 279 5.01 -2.81 -12.81
N THR A 280 5.62 -2.67 -11.65
CA THR A 280 6.36 -3.74 -11.02
C THR A 280 6.51 -3.41 -9.56
N ILE A 281 6.67 -4.44 -8.74
CA ILE A 281 6.95 -4.25 -7.31
C ILE A 281 8.46 -4.12 -7.06
N ASN A 282 9.28 -4.58 -8.00
CA ASN A 282 10.75 -4.52 -7.89
C ASN A 282 11.25 -3.55 -8.95
N GLN A 283 11.72 -2.37 -8.54
CA GLN A 283 12.11 -1.35 -9.54
C GLN A 283 13.53 -1.49 -10.11
N ARG A 284 14.22 -2.61 -9.85
CA ARG A 284 15.54 -2.78 -10.43
C ARG A 284 15.42 -2.71 -11.93
N GLY A 285 16.23 -1.87 -12.56
CA GLY A 285 16.22 -1.66 -14.01
C GLY A 285 15.43 -0.42 -14.47
N LYS A 286 14.74 0.26 -13.57
CA LYS A 286 13.91 1.39 -13.93
C LYS A 286 14.48 2.76 -13.52
N ASP A 287 14.11 3.79 -14.25
CA ASP A 287 14.35 5.16 -13.82
C ASP A 287 13.02 5.56 -13.15
N VAL A 288 12.99 5.64 -11.82
CA VAL A 288 11.79 5.95 -11.07
C VAL A 288 11.66 7.45 -10.82
N GLU A 289 10.55 8.05 -11.26
CA GLU A 289 10.32 9.49 -11.07
C GLU A 289 9.45 9.77 -9.86
N THR A 290 9.97 10.55 -8.92
CA THR A 290 9.18 10.98 -7.77
C THR A 290 8.41 12.21 -8.23
N TYR A 291 7.24 11.99 -8.79
CA TYR A 291 6.46 13.06 -9.39
C TYR A 291 4.97 12.63 -9.40
N VAL A 292 4.12 13.32 -8.64
CA VAL A 292 2.71 13.01 -8.69
C VAL A 292 2.15 13.40 -10.04
N TYR A 293 1.23 12.58 -10.52
CA TYR A 293 0.61 12.82 -11.79
C TYR A 293 -0.72 12.07 -11.92
N ASN A 294 -1.66 12.74 -12.57
CA ASN A 294 -2.98 12.18 -12.88
C ASN A 294 -2.94 11.46 -14.23
N GLU A 295 -2.65 10.17 -14.23
CA GLU A 295 -2.64 9.40 -15.49
C GLU A 295 -3.84 8.49 -15.51
N TYR A 296 -4.75 8.74 -16.42
CA TYR A 296 -5.98 7.99 -16.51
C TYR A 296 -5.78 6.60 -17.14
N GLN A 297 -5.97 5.54 -16.36
CA GLN A 297 -5.90 4.14 -16.85
C GLN A 297 -4.60 3.49 -17.30
N ASP A 298 -3.61 4.22 -17.78
CA ASP A 298 -2.46 3.43 -18.26
C ASP A 298 -1.23 3.72 -17.41
N GLN A 299 -1.43 3.66 -16.10
CA GLN A 299 -0.39 3.94 -15.14
C GLN A 299 0.78 2.94 -15.27
N ALA A 300 0.49 1.66 -15.50
CA ALA A 300 1.53 0.65 -15.62
C ALA A 300 2.39 0.89 -16.84
N GLN A 301 1.74 1.15 -17.97
CA GLN A 301 2.41 1.33 -19.25
C GLN A 301 3.27 2.61 -19.31
N THR A 302 2.77 3.71 -18.76
CA THR A 302 3.51 4.99 -18.74
C THR A 302 4.44 5.08 -17.52
N GLU A 303 4.28 4.17 -16.57
CA GLU A 303 5.08 4.15 -15.34
C GLU A 303 4.85 5.41 -14.52
N ARG A 304 3.59 5.83 -14.44
CA ARG A 304 3.21 7.06 -13.74
C ARG A 304 2.38 6.71 -12.49
N THR A 305 2.17 7.70 -11.62
CA THR A 305 1.40 7.51 -10.40
C THR A 305 0.92 8.81 -9.75
N TYR A 306 -0.21 8.71 -9.07
CA TYR A 306 -0.79 9.79 -8.30
C TYR A 306 -0.10 9.95 -6.94
N LEU A 307 0.61 8.93 -6.50
CA LEU A 307 1.18 8.90 -5.15
C LEU A 307 2.63 8.43 -5.21
N ALA A 308 3.52 9.39 -5.07
CA ALA A 308 4.95 9.21 -5.28
C ALA A 308 5.73 9.59 -4.03
N VAL A 309 6.63 8.72 -3.61
CA VAL A 309 7.37 8.89 -2.37
C VAL A 309 8.84 8.54 -2.57
N PRO A 310 9.75 9.44 -2.16
CA PRO A 310 11.19 9.20 -2.35
C PRO A 310 11.79 8.36 -1.24
N PHE A 311 11.24 7.15 -1.09
CA PHE A 311 11.65 6.18 -0.07
C PHE A 311 11.56 4.81 -0.71
N PHE A 312 12.61 4.03 -0.55
CA PHE A 312 12.59 2.65 -0.99
C PHE A 312 13.17 1.74 0.09
N VAL A 313 12.76 0.49 0.06
CA VAL A 313 13.29 -0.55 0.95
C VAL A 313 13.96 -1.57 0.06
N SER A 314 15.17 -1.97 0.44
CA SER A 314 15.91 -2.96 -0.27
C SER A 314 15.87 -4.27 0.51
N ALA A 315 15.78 -5.36 -0.24
CA ALA A 315 15.87 -6.70 0.36
C ALA A 315 17.25 -6.94 0.99
N ASN A 316 18.22 -6.05 0.75
CA ASN A 316 19.53 -6.15 1.47
C ASN A 316 19.46 -5.53 2.89
N LYS A 317 18.24 -5.20 3.33
CA LYS A 317 17.96 -4.79 4.70
C LYS A 317 18.27 -3.36 5.06
N TYR A 318 17.86 -2.46 4.19
CA TYR A 318 17.95 -1.05 4.54
C TYR A 318 16.91 -0.33 3.70
N GLY A 319 16.58 0.88 4.12
CA GLY A 319 15.73 1.78 3.33
C GLY A 319 16.50 3.06 3.17
N MSE A 320 16.13 3.86 2.18
CA MSE A 320 16.75 5.13 1.95
C MSE A 320 15.62 6.08 1.69
O MSE A 320 14.73 5.78 0.87
CB MSE A 320 17.70 5.07 0.74
CG MSE A 320 18.33 6.43 0.42
SE MSE A 320 19.70 6.37 -0.99
CE MSE A 320 20.91 5.09 -0.10
N TYR A 321 15.63 7.19 2.40
CA TYR A 321 14.63 8.24 2.24
C TYR A 321 15.35 9.56 1.92
N VAL A 322 15.01 10.19 0.80
CA VAL A 322 15.58 11.46 0.41
C VAL A 322 14.55 12.50 0.86
N ASN A 323 14.92 13.28 1.88
CA ASN A 323 14.00 14.21 2.49
C ASN A 323 13.87 15.53 1.77
N SER A 324 12.98 15.57 0.80
CA SER A 324 12.72 16.75 0.03
C SER A 324 11.47 16.55 -0.80
N ASP A 325 10.68 17.61 -0.92
CA ASP A 325 9.49 17.58 -1.79
C ASP A 325 9.76 17.86 -3.29
N PHE A 326 10.97 18.29 -3.65
CA PHE A 326 11.33 18.51 -5.05
C PHE A 326 11.32 17.17 -5.78
N HIS A 327 11.06 17.24 -7.08
CA HIS A 327 11.18 16.07 -7.94
C HIS A 327 12.58 15.40 -7.85
N SER A 328 12.62 14.07 -7.85
CA SER A 328 13.84 13.29 -7.84
C SER A 328 13.67 12.13 -8.79
N GLN A 329 14.79 11.60 -9.25
CA GLN A 329 14.82 10.46 -10.15
C GLN A 329 15.74 9.44 -9.53
N PHE A 330 15.20 8.25 -9.35
CA PHE A 330 15.97 7.15 -8.79
C PHE A 330 16.30 6.28 -9.99
N GLN A 331 17.60 6.09 -10.25
CA GLN A 331 18.10 5.30 -11.36
C GLN A 331 18.59 3.99 -10.75
N MSE A 332 17.73 2.97 -10.76
CA MSE A 332 18.00 1.72 -10.05
C MSE A 332 18.61 0.70 -10.97
O MSE A 332 17.91 -0.18 -11.48
CB MSE A 332 16.71 1.23 -9.42
CG MSE A 332 15.96 2.25 -8.54
SE MSE A 332 17.04 3.24 -7.24
CE MSE A 332 17.35 1.71 -6.05
N ALA A 333 19.92 0.81 -11.16
CA ALA A 333 20.67 -0.09 -12.03
C ALA A 333 20.10 -0.04 -13.43
N SER A 334 19.73 1.17 -13.84
CA SER A 334 19.15 1.42 -15.13
C SER A 334 20.14 1.97 -16.15
N LYS A 335 21.27 2.51 -15.71
CA LYS A 335 22.30 3.05 -16.60
C LYS A 335 23.49 2.08 -16.59
N VAL A 336 24.05 1.88 -15.41
CA VAL A 336 25.14 0.96 -15.19
C VAL A 336 24.58 -0.17 -14.34
N GLU A 337 24.94 -1.41 -14.67
CA GLU A 337 24.36 -2.59 -14.03
C GLU A 337 24.55 -2.72 -12.52
N ASP A 338 25.68 -2.25 -11.99
CA ASP A 338 25.95 -2.33 -10.57
C ASP A 338 25.85 -0.97 -9.84
N LYS A 339 25.10 -0.03 -10.40
CA LYS A 339 24.97 1.29 -9.79
C LYS A 339 23.55 1.76 -9.67
N TYR A 340 23.20 2.28 -8.50
CA TYR A 340 21.96 3.00 -8.36
C TYR A 340 22.29 4.44 -7.90
N SER A 341 21.43 5.36 -8.30
CA SER A 341 21.68 6.77 -8.07
C SER A 341 20.39 7.48 -7.81
N PHE A 342 20.47 8.62 -7.14
CA PHE A 342 19.30 9.48 -7.04
C PHE A 342 19.78 10.83 -7.59
N VAL A 343 18.91 11.51 -8.34
CA VAL A 343 19.23 12.86 -8.80
C VAL A 343 18.10 13.69 -8.26
N LEU A 344 18.39 14.65 -7.38
CA LEU A 344 17.36 15.47 -6.74
C LEU A 344 17.38 16.88 -7.26
N ASP A 345 16.21 17.43 -7.56
CA ASP A 345 16.12 18.83 -8.06
C ASP A 345 16.11 19.80 -6.86
N ASN A 346 16.44 21.02 -7.15
CA ASN A 346 16.45 22.13 -6.22
C ASN A 346 16.01 23.36 -7.03
N ASP A 347 15.54 24.40 -6.35
CA ASP A 347 15.08 25.63 -7.03
C ASP A 347 16.20 26.64 -7.30
N GLY A 348 17.46 26.25 -7.07
CA GLY A 348 18.60 27.15 -7.22
C GLY A 348 19.17 27.70 -5.90
N ASP A 349 18.36 27.64 -4.84
CA ASP A 349 18.73 28.23 -3.55
C ASP A 349 19.96 27.50 -3.04
N MSE A 350 21.06 28.23 -2.97
CA MSE A 350 22.34 27.63 -2.54
C MSE A 350 22.40 27.30 -1.08
O MSE A 350 23.36 26.65 -0.64
CB MSE A 350 23.47 28.62 -2.82
CG MSE A 350 23.57 28.94 -4.30
SE MSE A 350 25.07 30.19 -4.60
CE MSE A 350 26.35 28.69 -4.66
N THR A 351 21.43 27.75 -0.30
CA THR A 351 21.38 27.43 1.13
C THR A 351 20.53 26.17 1.46
N ASN A 352 19.96 25.52 0.44
CA ASN A 352 19.19 24.29 0.64
C ASN A 352 20.09 23.06 0.71
N MSE A 353 20.28 22.49 1.91
CA MSE A 353 21.12 21.28 2.04
C MSE A 353 20.46 20.03 1.51
O MSE A 353 19.24 19.95 1.47
CB MSE A 353 21.42 20.96 3.51
CG MSE A 353 22.44 21.92 4.10
SE MSE A 353 23.02 21.37 5.91
CE MSE A 353 21.35 21.74 6.84
N LEU A 354 21.25 19.08 1.03
CA LEU A 354 20.79 17.74 0.65
C LEU A 354 20.66 17.00 1.97
N ASP A 355 19.56 16.28 2.15
CA ASP A 355 19.21 15.67 3.42
C ASP A 355 18.58 14.31 3.11
N TYR A 356 19.28 13.22 3.47
CA TYR A 356 18.74 11.88 3.28
C TYR A 356 19.16 10.98 4.40
N TYR A 357 18.45 9.86 4.50
CA TYR A 357 18.62 8.90 5.56
C TYR A 357 18.85 7.50 5.00
N VAL A 358 19.70 6.74 5.69
CA VAL A 358 19.88 5.31 5.45
C VAL A 358 19.30 4.67 6.72
N ILE A 359 18.27 3.86 6.55
CA ILE A 359 17.45 3.38 7.63
C ILE A 359 17.60 1.89 7.81
N SER A 360 18.01 1.50 8.99
CA SER A 360 18.13 0.07 9.31
C SER A 360 16.99 -0.21 10.29
N GLY A 361 17.00 -1.39 10.89
CA GLY A 361 15.95 -1.78 11.83
C GLY A 361 16.08 -3.27 12.21
N LYS A 362 15.18 -3.75 13.05
CA LYS A 362 15.23 -5.15 13.48
C LYS A 362 14.78 -6.09 12.37
N ASP A 363 13.99 -5.60 11.43
CA ASP A 363 13.53 -6.43 10.31
C ASP A 363 12.98 -5.43 9.30
N GLN A 364 12.47 -5.88 8.17
CA GLN A 364 12.04 -4.97 7.09
C GLN A 364 10.88 -4.07 7.51
N ASN A 365 9.96 -4.60 8.31
CA ASN A 365 8.81 -3.84 8.78
C ASN A 365 9.24 -2.80 9.77
N ASP A 366 10.30 -3.09 10.51
CA ASP A 366 10.83 -2.10 11.46
C ASP A 366 11.49 -0.93 10.70
N ILE A 367 12.02 -1.22 9.51
CA ILE A 367 12.58 -0.17 8.63
C ILE A 367 11.46 0.76 8.23
N VAL A 368 10.30 0.20 7.91
CA VAL A 368 9.14 1.02 7.57
C VAL A 368 8.70 1.82 8.80
N ASN A 369 8.67 1.17 9.96
CA ASN A 369 8.33 1.89 11.20
C ASN A 369 9.24 3.11 11.42
N ASN A 370 10.56 2.92 11.19
CA ASN A 370 11.57 3.99 11.36
C ASN A 370 11.31 5.13 10.39
N TYR A 371 10.94 4.78 9.17
CA TYR A 371 10.54 5.76 8.14
C TYR A 371 9.32 6.60 8.61
N THR A 372 8.30 5.95 9.18
CA THR A 372 7.14 6.67 9.70
C THR A 372 7.45 7.49 10.96
N ASP A 373 8.55 7.19 11.65
CA ASP A 373 8.99 8.06 12.76
C ASP A 373 9.41 9.40 12.15
N ILE A 374 10.01 9.33 10.98
CA ILE A 374 10.49 10.54 10.32
C ILE A 374 9.36 11.29 9.65
N THR A 375 8.51 10.60 8.92
CA THR A 375 7.52 11.29 8.11
C THR A 375 6.08 11.28 8.60
N GLY A 376 5.77 10.54 9.65
CA GLY A 376 4.42 10.51 10.17
C GLY A 376 3.83 9.11 10.30
N LYS A 377 3.12 8.89 11.38
CA LYS A 377 2.50 7.59 11.58
C LYS A 377 1.16 7.58 10.91
N THR A 378 0.73 6.39 10.54
CA THR A 378 -0.62 6.20 10.07
C THR A 378 -1.57 6.53 11.23
N THR A 379 -2.65 7.25 10.92
CA THR A 379 -3.66 7.58 11.90
C THR A 379 -4.72 6.46 11.92
N LEU A 380 -4.89 5.83 13.08
CA LEU A 380 -5.88 4.78 13.22
C LEU A 380 -7.24 5.32 12.82
N LEU A 381 -7.93 4.59 11.95
CA LEU A 381 -9.26 4.99 11.51
C LEU A 381 -10.27 4.20 12.31
N PRO A 382 -11.52 4.71 12.39
CA PRO A 382 -12.58 3.97 13.08
C PRO A 382 -12.87 2.65 12.36
N LYS A 383 -13.43 1.69 13.07
CA LYS A 383 -13.68 0.35 12.53
C LYS A 383 -14.59 0.31 11.31
N TRP A 384 -15.54 1.23 11.20
CA TRP A 384 -16.39 1.29 9.99
C TRP A 384 -15.61 1.39 8.69
N ALA A 385 -14.41 1.97 8.73
CA ALA A 385 -13.58 2.10 7.53
C ALA A 385 -13.17 0.78 6.93
N PHE A 386 -13.18 -0.25 7.76
CA PHE A 386 -12.73 -1.57 7.36
C PHE A 386 -13.80 -2.55 6.93
N GLY A 387 -15.02 -2.05 6.80
CA GLY A 387 -16.09 -2.81 6.19
C GLY A 387 -16.18 -2.51 4.70
N LEU A 388 -17.21 -3.03 4.05
CA LEU A 388 -17.40 -2.80 2.64
C LEU A 388 -17.88 -1.39 2.42
N TRP A 389 -17.27 -0.75 1.43
CA TRP A 389 -17.64 0.59 0.99
C TRP A 389 -18.39 0.45 -0.34
N MSE A 390 -19.59 1.03 -0.43
CA MSE A 390 -20.39 0.98 -1.65
C MSE A 390 -20.33 2.30 -2.33
O MSE A 390 -20.50 3.36 -1.69
CB MSE A 390 -21.84 0.69 -1.30
CG MSE A 390 -21.94 -0.48 -0.32
SE MSE A 390 -23.77 -1.23 -0.46
CE MSE A 390 -24.81 0.43 -0.45
N SER A 391 -20.15 2.29 -3.65
CA SER A 391 -20.01 3.52 -4.40
C SER A 391 -20.41 3.32 -5.86
N ALA A 392 -20.95 4.38 -6.49
CA ALA A 392 -21.19 4.35 -7.93
C ALA A 392 -21.41 5.82 -8.38
N ASN A 393 -20.69 6.29 -9.36
CA ASN A 393 -20.88 7.69 -9.83
C ASN A 393 -22.31 7.99 -10.26
N GLU A 394 -23.00 6.93 -10.71
CA GLU A 394 -24.36 7.09 -11.22
C GLU A 394 -25.37 7.42 -10.13
N TRP A 395 -25.00 7.25 -8.87
CA TRP A 395 -25.94 7.61 -7.79
C TRP A 395 -25.94 9.13 -7.70
N ASP A 396 -27.02 9.75 -8.19
CA ASP A 396 -27.11 11.21 -8.27
C ASP A 396 -28.43 11.82 -7.78
N ARG A 397 -29.20 11.09 -6.98
CA ARG A 397 -30.45 11.61 -6.42
C ARG A 397 -30.89 10.71 -5.28
N GLU A 398 -31.86 11.19 -4.51
CA GLU A 398 -32.34 10.44 -3.33
C GLU A 398 -32.87 9.06 -3.64
N SER A 399 -33.57 8.92 -4.76
CA SER A 399 -34.12 7.63 -5.13
C SER A 399 -33.01 6.61 -5.45
N ASP A 400 -31.87 7.08 -5.98
CA ASP A 400 -30.73 6.18 -6.23
C ASP A 400 -30.19 5.65 -4.88
N VAL A 401 -30.17 6.52 -3.87
CA VAL A 401 -29.65 6.15 -2.56
C VAL A 401 -30.57 5.16 -1.83
N SER A 402 -31.86 5.46 -1.77
CA SER A 402 -32.82 4.52 -1.16
C SER A 402 -32.81 3.16 -1.89
N SER A 403 -32.63 3.18 -3.21
CA SER A 403 -32.56 1.92 -3.96
C SER A 403 -31.28 1.11 -3.66
N ALA A 404 -30.15 1.79 -3.49
CA ALA A 404 -28.88 1.13 -3.19
C ALA A 404 -29.00 0.44 -1.83
N LEU A 405 -29.54 1.17 -0.87
CA LEU A 405 -29.75 0.67 0.48
C LEU A 405 -30.72 -0.50 0.49
N SER A 406 -31.79 -0.42 -0.31
N SER A 406 -31.78 -0.39 -0.31
CA SER A 406 -32.77 -1.52 -0.39
CA SER A 406 -32.79 -1.44 -0.45
C SER A 406 -32.21 -2.72 -1.10
C SER A 406 -32.25 -2.69 -1.12
N ASN A 407 -31.44 -2.50 -2.17
CA ASN A 407 -30.81 -3.61 -2.86
C ASN A 407 -29.77 -4.30 -1.97
N ALA A 408 -29.01 -3.49 -1.21
CA ALA A 408 -28.02 -4.07 -0.31
C ALA A 408 -28.72 -5.01 0.69
N LYS A 409 -29.83 -4.53 1.25
CA LYS A 409 -30.55 -5.28 2.22
C LYS A 409 -31.21 -6.48 1.61
N ALA A 410 -31.83 -6.33 0.45
CA ALA A 410 -32.49 -7.46 -0.22
C ALA A 410 -31.50 -8.57 -0.60
N ASN A 411 -30.25 -8.20 -0.86
CA ASN A 411 -29.23 -9.17 -1.18
C ASN A 411 -28.27 -9.55 0.00
N ASP A 412 -28.65 -9.19 1.23
CA ASP A 412 -27.88 -9.49 2.45
C ASP A 412 -26.41 -9.05 2.39
N ILE A 413 -26.24 -7.78 2.06
CA ILE A 413 -24.95 -7.12 1.93
C ILE A 413 -24.82 -6.04 3.01
N PRO A 414 -24.33 -6.42 4.22
CA PRO A 414 -24.20 -5.46 5.31
C PRO A 414 -22.93 -4.62 5.18
N ALA A 415 -22.92 -3.65 4.26
CA ALA A 415 -21.79 -2.79 4.11
C ALA A 415 -21.73 -1.78 5.28
N THR A 416 -20.60 -1.08 5.42
CA THR A 416 -20.44 -0.03 6.44
C THR A 416 -20.05 1.36 5.86
N GLY A 417 -19.70 1.42 4.57
CA GLY A 417 -19.29 2.68 3.92
C GLY A 417 -20.14 3.01 2.69
N PHE A 418 -20.38 4.30 2.44
CA PHE A 418 -21.23 4.77 1.33
C PHE A 418 -20.64 6.08 0.81
N VAL A 419 -20.50 6.17 -0.50
CA VAL A 419 -19.92 7.35 -1.13
C VAL A 419 -20.84 7.98 -2.13
N LEU A 420 -20.94 9.32 -2.08
CA LEU A 420 -21.65 10.08 -3.10
C LEU A 420 -20.64 10.96 -3.81
N GLU A 421 -20.65 10.85 -5.13
CA GLU A 421 -19.81 11.65 -5.98
C GLU A 421 -20.66 12.70 -6.71
N GLN A 422 -21.75 12.29 -7.36
CA GLN A 422 -22.59 13.19 -8.16
C GLN A 422 -23.70 13.74 -7.25
N TRP A 423 -23.30 14.41 -6.17
CA TRP A 423 -24.21 14.92 -5.17
C TRP A 423 -24.46 16.43 -5.24
N SER A 424 -23.55 17.16 -5.86
CA SER A 424 -23.54 18.63 -5.79
C SER A 424 -24.04 19.34 -7.03
N ASP A 425 -24.01 20.67 -6.94
CA ASP A 425 -24.40 21.57 -8.01
C ASP A 425 -23.43 21.56 -9.19
N GLU A 426 -22.25 20.99 -9.00
CA GLU A 426 -21.25 20.87 -10.05
C GLU A 426 -20.73 22.24 -10.45
N GLU A 427 -20.76 23.19 -9.54
CA GLU A 427 -20.30 24.56 -9.79
C GLU A 427 -19.43 24.99 -8.61
N THR A 428 -20.05 25.03 -7.42
CA THR A 428 -19.38 25.38 -6.17
C THR A 428 -18.82 24.15 -5.47
N TYR A 429 -19.48 23.01 -5.62
CA TYR A 429 -19.06 21.75 -4.97
C TYR A 429 -19.19 21.72 -3.44
N TYR A 430 -19.98 22.63 -2.89
CA TYR A 430 -20.32 22.57 -1.45
C TYR A 430 -21.84 22.76 -1.28
N ILE A 431 -22.57 22.81 -2.40
CA ILE A 431 -24.02 22.97 -2.41
C ILE A 431 -24.67 21.74 -3.11
N TRP A 432 -25.71 21.19 -2.48
CA TRP A 432 -26.45 20.05 -3.03
C TRP A 432 -27.09 20.42 -4.36
N ASN A 433 -27.10 19.47 -5.30
CA ASN A 433 -27.67 19.70 -6.62
C ASN A 433 -29.14 20.14 -6.50
N ASN A 434 -29.54 21.11 -7.32
CA ASN A 434 -30.91 21.63 -7.38
C ASN A 434 -31.31 22.57 -6.25
N ALA A 435 -30.46 22.78 -5.25
CA ALA A 435 -30.80 23.65 -4.13
C ALA A 435 -30.87 25.12 -4.55
N THR A 436 -31.84 25.86 -4.03
CA THR A 436 -31.95 27.28 -4.36
C THR A 436 -31.69 28.12 -3.11
N TYR A 437 -31.31 29.37 -3.31
CA TYR A 437 -30.87 30.15 -2.17
C TYR A 437 -30.58 31.55 -2.58
N THR A 438 -30.34 32.40 -1.60
CA THR A 438 -29.93 33.77 -1.89
C THR A 438 -28.43 33.76 -1.92
N ALA A 439 -27.87 33.93 -3.11
CA ALA A 439 -26.44 33.95 -3.31
C ALA A 439 -25.80 34.93 -2.32
N LYS A 440 -24.66 34.53 -1.75
CA LYS A 440 -23.92 35.33 -0.79
C LYS A 440 -22.67 35.96 -1.39
N LYS A 441 -22.29 37.09 -0.78
CA LYS A 441 -21.08 37.83 -1.14
C LYS A 441 -20.06 37.61 -0.03
N ASN A 442 -18.80 37.93 -0.33
CA ASN A 442 -17.71 37.81 0.64
C ASN A 442 -17.38 36.44 1.20
N GLY A 443 -17.71 35.40 0.44
CA GLY A 443 -17.38 34.05 0.87
C GLY A 443 -18.03 33.60 2.16
N GLU A 444 -19.00 34.36 2.65
N GLU A 444 -19.03 34.35 2.63
CA GLU A 444 -19.71 34.03 3.87
CA GLU A 444 -19.77 34.04 3.84
C GLU A 444 -20.31 32.62 3.70
C GLU A 444 -20.33 32.62 3.69
N ALA A 445 -20.22 31.83 4.75
CA ALA A 445 -20.68 30.45 4.74
C ALA A 445 -22.19 30.33 4.89
N PHE A 446 -22.75 29.32 4.24
CA PHE A 446 -24.17 29.06 4.33
C PHE A 446 -24.43 28.10 5.48
N SER A 447 -25.68 28.05 5.93
N SER A 447 -25.67 28.05 5.94
CA SER A 447 -26.12 27.11 6.96
CA SER A 447 -26.12 27.13 6.96
C SER A 447 -27.21 26.32 6.26
C SER A 447 -27.21 26.33 6.26
N TYR A 448 -27.59 25.18 6.81
CA TYR A 448 -28.62 24.33 6.18
C TYR A 448 -29.92 25.09 5.89
N ASP A 449 -30.29 25.99 6.80
CA ASP A 449 -31.52 26.79 6.67
C ASP A 449 -31.53 27.78 5.51
N ASP A 450 -30.36 28.15 5.00
CA ASP A 450 -30.32 29.08 3.89
C ASP A 450 -30.89 28.49 2.60
N PHE A 451 -30.90 27.16 2.46
CA PHE A 451 -31.34 26.51 1.22
C PHE A 451 -32.77 26.02 1.19
N THR A 452 -33.32 26.04 -0.01
CA THR A 452 -34.57 25.39 -0.32
C THR A 452 -34.11 24.20 -1.16
N PHE A 453 -34.33 22.98 -0.66
CA PHE A 453 -33.91 21.77 -1.36
C PHE A 453 -34.98 21.26 -2.31
N ASN A 454 -34.58 21.05 -3.56
CA ASN A 454 -35.50 20.63 -4.62
C ASN A 454 -34.99 19.44 -5.41
N GLY A 455 -35.90 18.93 -6.24
CA GLY A 455 -35.65 17.90 -7.21
C GLY A 455 -34.93 16.69 -6.73
N LYS A 456 -33.69 16.52 -7.18
CA LYS A 456 -32.90 15.33 -6.87
C LYS A 456 -32.59 15.16 -5.39
N TRP A 457 -32.50 16.26 -4.67
CA TRP A 457 -32.18 16.21 -3.25
C TRP A 457 -33.13 17.14 -2.49
N THR A 458 -34.31 16.62 -2.17
CA THR A 458 -35.33 17.35 -1.43
C THR A 458 -35.06 17.38 0.07
N ASP A 459 -34.35 16.39 0.61
CA ASP A 459 -34.03 16.32 2.06
C ASP A 459 -32.69 15.61 2.31
N PRO A 460 -31.58 16.35 2.17
CA PRO A 460 -30.25 15.77 2.35
C PRO A 460 -30.03 15.23 3.75
N LYS A 461 -30.52 15.92 4.77
CA LYS A 461 -30.31 15.43 6.12
C LYS A 461 -30.99 14.07 6.26
N GLY A 462 -32.24 13.97 5.80
CA GLY A 462 -32.99 12.71 5.86
C GLY A 462 -32.32 11.58 5.09
N MSE A 463 -31.75 11.91 3.95
CA MSE A 463 -31.04 10.93 3.14
C MSE A 463 -29.91 10.41 4.01
O MSE A 463 -29.80 9.21 4.20
CB MSE A 463 -30.58 11.52 1.82
CG MSE A 463 -29.86 10.50 0.93
SE MSE A 463 -27.94 10.64 1.30
CE MSE A 463 -27.51 9.19 2.48
N VAL A 464 -29.10 11.30 4.55
CA VAL A 464 -27.98 10.91 5.41
C VAL A 464 -28.48 10.06 6.56
N ASP A 465 -29.56 10.49 7.19
CA ASP A 465 -30.16 9.72 8.29
C ASP A 465 -30.44 8.25 7.92
N SER A 466 -30.93 8.01 6.71
CA SER A 466 -31.29 6.67 6.24
C SER A 466 -30.05 5.82 6.07
N VAL A 467 -28.94 6.43 5.65
CA VAL A 467 -27.67 5.70 5.51
C VAL A 467 -27.17 5.22 6.87
N HIS A 468 -27.21 6.12 7.85
CA HIS A 468 -26.77 5.79 9.21
C HIS A 468 -27.68 4.71 9.76
N ASP A 469 -28.98 4.83 9.47
CA ASP A 469 -29.94 3.83 9.92
C ASP A 469 -29.59 2.42 9.42
N ALA A 470 -29.03 2.30 8.22
CA ALA A 470 -28.58 1.01 7.66
C ALA A 470 -27.20 0.55 8.17
N GLY A 471 -26.61 1.27 9.11
CA GLY A 471 -25.31 0.88 9.69
C GLY A 471 -24.14 1.32 8.84
N MSE A 472 -24.34 2.34 8.01
CA MSE A 472 -23.30 2.85 7.11
C MSE A 472 -22.98 4.30 7.42
O MSE A 472 -23.72 5.00 8.09
CB MSE A 472 -23.75 2.73 5.66
CG MSE A 472 -24.12 1.29 5.34
SE MSE A 472 -24.44 1.06 3.43
CE MSE A 472 -25.71 -0.43 3.53
N ASN A 473 -21.86 4.75 6.85
N ASN A 473 -21.83 4.74 6.92
CA ASN A 473 -21.35 6.09 7.03
CA ASN A 473 -21.39 6.13 7.03
C ASN A 473 -21.09 6.66 5.65
C ASN A 473 -21.14 6.66 5.64
N ILE A 474 -21.34 7.96 5.47
CA ILE A 474 -21.24 8.58 4.15
C ILE A 474 -20.15 9.62 3.93
N VAL A 475 -19.52 9.56 2.76
CA VAL A 475 -18.55 10.58 2.43
C VAL A 475 -18.94 11.22 1.12
N LEU A 476 -18.52 12.47 0.96
CA LEU A 476 -18.84 13.25 -0.21
C LEU A 476 -17.56 13.65 -0.96
N TRP A 477 -17.66 13.64 -2.28
CA TRP A 477 -16.54 13.90 -3.17
C TRP A 477 -16.23 15.41 -3.22
N GLN A 478 -14.94 15.72 -3.25
CA GLN A 478 -14.41 17.07 -3.25
C GLN A 478 -13.19 17.23 -4.17
N VAL A 479 -12.90 18.48 -4.56
CA VAL A 479 -11.68 18.76 -5.28
C VAL A 479 -11.06 19.98 -4.60
N PRO A 480 -9.78 20.26 -4.86
CA PRO A 480 -9.11 21.36 -4.20
C PRO A 480 -9.06 22.65 -5.03
N VAL A 481 -9.92 22.70 -6.04
CA VAL A 481 -9.90 23.71 -7.05
C VAL A 481 -11.25 24.36 -7.14
N LEU A 482 -11.26 25.69 -7.35
CA LEU A 482 -12.49 26.40 -7.60
C LEU A 482 -12.62 26.42 -9.12
N LYS A 483 -13.68 25.78 -9.59
CA LYS A 483 -13.95 25.63 -10.99
C LYS A 483 -14.13 26.97 -11.69
N ASP A 484 -13.61 27.05 -12.91
CA ASP A 484 -13.85 28.22 -13.71
C ASP A 484 -13.72 27.87 -15.18
N ASP A 485 -14.84 27.45 -15.76
CA ASP A 485 -14.84 27.08 -17.16
C ASP A 485 -15.32 28.24 -18.04
N GLY A 486 -15.40 29.44 -17.48
CA GLY A 486 -15.85 30.62 -18.25
C GLY A 486 -17.34 30.88 -18.22
N THR A 487 -18.13 29.86 -17.84
CA THR A 487 -19.58 30.01 -17.73
C THR A 487 -19.90 30.88 -16.53
N VAL A 488 -21.09 31.45 -16.56
CA VAL A 488 -21.53 32.33 -15.51
C VAL A 488 -22.43 31.56 -14.56
N TYR A 489 -22.14 31.69 -13.27
CA TYR A 489 -22.91 31.05 -12.24
C TYR A 489 -22.67 31.91 -11.01
N GLU A 490 -23.71 32.62 -10.61
CA GLU A 490 -23.63 33.65 -9.56
C GLU A 490 -22.77 33.34 -8.33
N GLN A 491 -23.06 32.27 -7.61
CA GLN A 491 -22.35 31.96 -6.36
C GLN A 491 -20.88 31.58 -6.56
N ARG A 492 -20.58 30.96 -7.69
CA ARG A 492 -19.24 30.54 -8.04
C ARG A 492 -18.41 31.78 -8.36
N ASP A 493 -18.97 32.67 -9.19
CA ASP A 493 -18.33 33.94 -9.54
C ASP A 493 -18.07 34.75 -8.25
N ASN A 494 -19.04 34.77 -7.33
CA ASN A 494 -18.89 35.45 -6.03
C ASN A 494 -17.69 34.91 -5.21
N ASP A 495 -17.57 33.60 -5.19
CA ASP A 495 -16.48 32.97 -4.49
C ASP A 495 -15.13 33.23 -5.17
N GLU A 496 -15.06 33.18 -6.51
CA GLU A 496 -13.82 33.47 -7.23
C GLU A 496 -13.37 34.90 -6.92
N GLU A 497 -14.33 35.80 -6.89
CA GLU A 497 -14.05 37.20 -6.61
C GLU A 497 -13.44 37.36 -5.21
N TYR A 498 -14.09 36.78 -4.23
CA TYR A 498 -13.63 36.87 -2.85
C TYR A 498 -12.27 36.20 -2.67
N MSE A 499 -12.13 35.01 -3.23
CA MSE A 499 -10.89 34.23 -3.10
C MSE A 499 -9.71 35.00 -3.61
O MSE A 499 -8.67 35.04 -2.97
CB MSE A 499 -11.12 32.89 -3.79
CG MSE A 499 -9.93 32.21 -4.44
SE MSE A 499 -10.61 30.40 -4.85
CE MSE A 499 -9.04 29.38 -4.22
N ILE A 500 -9.87 35.65 -4.76
CA ILE A 500 -8.76 36.41 -5.32
C ILE A 500 -8.45 37.64 -4.43
N SER A 501 -9.50 38.38 -4.01
CA SER A 501 -9.30 39.57 -3.16
C SER A 501 -8.65 39.27 -1.81
N GLN A 502 -8.87 38.10 -1.24
CA GLN A 502 -8.24 37.76 0.03
C GLN A 502 -6.84 37.19 -0.16
N GLY A 503 -6.42 36.95 -1.41
CA GLY A 503 -5.11 36.32 -1.64
C GLY A 503 -5.14 34.84 -1.24
N TYR A 504 -6.33 34.22 -1.35
CA TYR A 504 -6.54 32.82 -0.96
C TYR A 504 -6.10 31.75 -1.97
N SER A 505 -5.81 32.21 -3.17
CA SER A 505 -5.27 31.34 -4.20
C SER A 505 -3.76 31.40 -4.07
N ALA A 506 -3.09 30.60 -4.90
CA ALA A 506 -1.65 30.67 -5.02
C ALA A 506 -1.46 31.75 -6.07
N ASP A 507 -0.24 32.24 -6.19
CA ASP A 507 0.06 33.33 -7.14
C ASP A 507 0.77 32.74 -8.36
N ASP A 508 0.48 33.27 -9.55
CA ASP A 508 1.13 32.78 -10.76
C ASP A 508 2.57 33.27 -10.91
N GLY A 509 2.99 34.14 -10.01
CA GLY A 509 4.33 34.70 -10.02
C GLY A 509 4.35 36.15 -10.49
N THR A 510 3.16 36.73 -10.75
CA THR A 510 3.02 38.12 -11.22
C THR A 510 1.93 38.89 -10.50
N GLY A 511 1.36 38.34 -9.46
CA GLY A 511 0.26 39.00 -8.74
C GLY A 511 -1.11 38.46 -9.13
N ALA A 512 -1.20 37.62 -10.16
CA ALA A 512 -2.49 37.07 -10.59
C ALA A 512 -2.69 35.66 -9.98
N PRO A 513 -3.94 35.22 -9.84
CA PRO A 513 -4.09 33.90 -9.24
C PRO A 513 -3.61 32.81 -10.15
N TYR A 514 -3.05 31.76 -9.55
CA TYR A 514 -2.62 30.58 -10.30
C TYR A 514 -3.83 29.81 -10.75
N ARG A 515 -3.87 29.51 -12.04
CA ARG A 515 -4.91 28.67 -12.58
C ARG A 515 -4.26 27.41 -13.17
N VAL A 516 -4.97 26.29 -13.07
CA VAL A 516 -4.54 25.04 -13.64
C VAL A 516 -4.39 25.21 -15.15
N PRO A 517 -3.30 24.68 -15.72
CA PRO A 517 -3.18 24.78 -17.17
C PRO A 517 -4.45 24.32 -17.90
N ALA A 518 -4.79 25.06 -18.93
CA ALA A 518 -6.04 24.91 -19.66
C ALA A 518 -6.38 23.53 -20.12
N SER A 519 -5.42 22.75 -20.60
CA SER A 519 -5.76 21.47 -21.17
C SER A 519 -5.87 20.34 -20.13
N GLN A 520 -5.71 20.67 -18.84
CA GLN A 520 -5.75 19.67 -17.81
C GLN A 520 -7.12 19.57 -17.14
N TRP A 521 -7.27 18.60 -16.25
CA TRP A 521 -8.52 18.42 -15.52
C TRP A 521 -8.74 19.68 -14.66
N PHE A 522 -9.91 20.30 -14.81
CA PHE A 522 -10.23 21.54 -14.13
C PHE A 522 -9.35 22.71 -14.62
N GLY A 523 -8.91 22.58 -15.87
CA GLY A 523 -8.15 23.63 -16.55
C GLY A 523 -8.83 24.94 -16.33
N ASN A 524 -8.04 25.96 -16.04
CA ASN A 524 -8.48 27.35 -15.86
C ASN A 524 -9.02 27.59 -14.45
N GLY A 525 -9.19 26.52 -13.70
CA GLY A 525 -9.64 26.60 -12.32
C GLY A 525 -8.55 27.10 -11.37
N ILE A 526 -8.97 27.67 -10.25
CA ILE A 526 -8.05 28.27 -9.29
C ILE A 526 -7.90 27.39 -8.09
N LEU A 527 -6.66 27.02 -7.80
CA LEU A 527 -6.36 26.19 -6.64
C LEU A 527 -6.43 26.97 -5.36
N LEU A 528 -6.97 26.35 -4.33
CA LEU A 528 -6.96 26.90 -3.01
C LEU A 528 -5.55 26.63 -2.48
N ASP A 529 -4.89 27.69 -2.00
CA ASP A 529 -3.56 27.57 -1.44
C ASP A 529 -3.67 26.94 -0.05
N PHE A 530 -3.45 25.64 0.02
CA PHE A 530 -3.55 24.94 1.30
C PHE A 530 -2.40 25.20 2.28
N THR A 531 -1.39 25.96 1.86
CA THR A 531 -0.30 26.36 2.76
C THR A 531 -0.76 27.61 3.57
N ASN A 532 -1.86 28.24 3.14
CA ASN A 532 -2.37 29.46 3.73
C ASN A 532 -3.52 29.13 4.69
N LYS A 533 -3.22 29.18 5.98
CA LYS A 533 -4.18 28.84 7.04
C LYS A 533 -5.52 29.57 6.93
N ASP A 534 -5.48 30.86 6.65
CA ASP A 534 -6.68 31.67 6.51
C ASP A 534 -7.47 31.17 5.32
N ALA A 535 -6.78 30.79 4.26
CA ALA A 535 -7.47 30.30 3.07
C ALA A 535 -8.13 28.97 3.37
N VAL A 536 -7.43 28.11 4.13
CA VAL A 536 -7.96 26.84 4.49
C VAL A 536 -9.15 26.99 5.42
N ASP A 537 -9.11 27.92 6.36
CA ASP A 537 -10.25 28.10 7.25
C ASP A 537 -11.45 28.52 6.43
N TRP A 538 -11.24 29.43 5.48
CA TRP A 538 -12.36 29.86 4.64
C TRP A 538 -12.97 28.73 3.79
N TRP A 539 -12.12 27.99 3.11
CA TRP A 539 -12.56 26.94 2.22
C TRP A 539 -13.37 25.87 2.98
N THR A 540 -12.85 25.47 4.13
CA THR A 540 -13.53 24.48 4.95
C THR A 540 -14.80 25.05 5.58
N SER A 541 -14.79 26.33 5.99
CA SER A 541 -16.00 26.88 6.59
C SER A 541 -17.18 26.79 5.59
N GLN A 542 -16.90 26.76 4.29
CA GLN A 542 -18.03 26.61 3.34
C GLN A 542 -18.66 25.22 3.40
N ARG A 543 -17.85 24.23 3.80
CA ARG A 543 -18.31 22.83 3.94
C ARG A 543 -18.80 22.44 5.35
N GLU A 544 -18.65 23.34 6.32
CA GLU A 544 -18.94 23.03 7.72
C GLU A 544 -20.34 22.50 7.98
N TYR A 545 -21.34 23.10 7.32
CA TYR A 545 -22.73 22.70 7.53
C TYR A 545 -22.98 21.24 7.14
N LEU A 546 -22.20 20.73 6.18
CA LEU A 546 -22.30 19.32 5.76
C LEU A 546 -22.02 18.36 6.91
N LEU A 547 -21.10 18.77 7.78
CA LEU A 547 -20.69 17.96 8.94
C LEU A 547 -21.51 18.28 10.20
N THR A 548 -21.69 19.57 10.50
CA THR A 548 -22.43 19.96 11.69
C THR A 548 -23.94 19.75 11.57
N GLU A 549 -24.48 19.94 10.37
CA GLU A 549 -25.92 19.86 10.19
C GLU A 549 -26.36 18.66 9.36
N VAL A 550 -25.74 18.46 8.20
CA VAL A 550 -26.15 17.36 7.36
C VAL A 550 -25.70 16.05 8.00
N GLY A 551 -24.58 16.08 8.71
CA GLY A 551 -24.07 14.91 9.44
C GLY A 551 -23.22 13.92 8.63
N ILE A 552 -22.49 14.38 7.62
CA ILE A 552 -21.64 13.46 6.84
C ILE A 552 -20.47 12.94 7.66
N ASP A 553 -19.79 11.95 7.12
CA ASP A 553 -18.74 11.23 7.85
C ASP A 553 -17.39 11.31 7.16
N GLY A 554 -17.19 12.35 6.37
CA GLY A 554 -15.89 12.52 5.73
C GLY A 554 -16.00 12.90 4.29
N PHE A 555 -14.84 13.02 3.66
CA PHE A 555 -14.75 13.45 2.28
C PHE A 555 -13.88 12.52 1.43
N LYS A 556 -14.30 12.33 0.17
CA LYS A 556 -13.47 11.64 -0.80
C LYS A 556 -12.77 12.76 -1.55
N THR A 557 -11.57 13.10 -1.09
CA THR A 557 -10.80 14.19 -1.62
C THR A 557 -9.98 13.71 -2.82
N ASP A 558 -10.56 13.92 -4.00
CA ASP A 558 -10.00 13.50 -5.27
C ASP A 558 -9.07 14.61 -5.81
N GLY A 559 -8.32 14.31 -6.88
CA GLY A 559 -7.38 15.25 -7.50
C GLY A 559 -6.19 15.65 -6.63
N GLY A 560 -5.58 16.79 -6.93
CA GLY A 560 -4.40 17.27 -6.18
C GLY A 560 -3.15 17.40 -7.04
N GLU A 561 -3.10 16.64 -8.13
CA GLU A 561 -1.92 16.62 -9.01
C GLU A 561 -2.02 17.79 -10.01
N MSE A 562 -2.20 19.01 -9.49
CA MSE A 562 -2.57 20.16 -10.31
C MSE A 562 -1.70 21.38 -10.25
O MSE A 562 -2.09 22.46 -10.72
CB MSE A 562 -3.98 20.53 -9.80
CG MSE A 562 -5.01 19.46 -10.14
SE MSE A 562 -6.63 19.70 -9.03
CE MSE A 562 -7.80 18.59 -10.15
N VAL A 563 -0.52 21.23 -9.67
CA VAL A 563 0.39 22.35 -9.53
C VAL A 563 1.44 22.29 -10.61
N TRP A 564 1.38 23.25 -11.53
CA TRP A 564 2.37 23.37 -12.60
C TRP A 564 2.99 24.75 -12.53
N GLY A 565 4.11 24.94 -13.23
CA GLY A 565 4.73 26.27 -13.38
C GLY A 565 5.76 26.57 -12.32
N ARG A 566 6.95 26.96 -12.74
CA ARG A 566 8.02 27.29 -11.78
C ARG A 566 7.77 28.51 -10.96
N ASP A 567 7.10 29.51 -11.52
CA ASP A 567 6.86 30.77 -10.82
C ASP A 567 5.63 30.74 -9.94
N THR A 568 4.93 29.60 -9.94
CA THR A 568 3.77 29.44 -9.08
C THR A 568 4.29 29.57 -7.65
N THR A 569 3.64 30.40 -6.85
CA THR A 569 4.12 30.77 -5.54
C THR A 569 3.04 30.64 -4.48
N PHE A 570 3.42 30.10 -3.33
CA PHE A 570 2.49 29.79 -2.25
C PHE A 570 2.79 30.66 -1.06
N SER A 571 1.83 30.76 -0.15
CA SER A 571 1.96 31.65 1.00
C SER A 571 3.15 31.32 1.88
N ASN A 572 3.57 30.06 1.91
CA ASN A 572 4.76 29.67 2.67
C ASN A 572 6.04 30.10 1.96
N GLY A 573 5.91 30.81 0.86
CA GLY A 573 7.06 31.28 0.11
C GLY A 573 7.63 30.29 -0.88
N GLU A 574 7.22 29.01 -0.77
CA GLU A 574 7.71 28.01 -1.70
C GLU A 574 7.05 28.15 -3.05
N LYS A 575 7.75 27.65 -4.05
CA LYS A 575 7.27 27.69 -5.44
C LYS A 575 6.92 26.31 -6.01
N GLY A 576 6.52 26.31 -7.28
CA GLY A 576 5.95 25.16 -7.97
C GLY A 576 6.75 23.90 -8.00
N GLN A 577 8.06 23.99 -8.20
CA GLN A 577 8.90 22.79 -8.20
C GLN A 577 8.87 22.11 -6.85
N GLU A 578 8.93 22.90 -5.81
CA GLU A 578 8.95 22.34 -4.48
C GLU A 578 7.57 21.87 -4.03
N MSE A 579 6.51 22.55 -4.46
CA MSE A 579 5.17 22.25 -3.99
C MSE A 579 4.34 21.25 -4.76
O MSE A 579 3.33 20.77 -4.23
CB MSE A 579 4.40 23.58 -3.95
CG MSE A 579 4.77 24.40 -2.71
SE MSE A 579 4.31 23.56 -0.97
CE MSE A 579 2.40 23.26 -1.28
N ARG A 580 4.71 20.88 -5.98
CA ARG A 580 3.89 19.97 -6.74
C ARG A 580 3.57 18.67 -6.02
N ASN A 581 4.60 17.99 -5.48
CA ASN A 581 4.39 16.73 -4.74
C ASN A 581 3.74 16.90 -3.35
N ARG A 582 3.99 18.02 -2.70
CA ARG A 582 3.48 18.32 -1.38
C ARG A 582 2.03 18.78 -1.37
N TYR A 583 1.66 19.56 -2.38
CA TYR A 583 0.32 20.11 -2.44
C TYR A 583 -0.82 19.11 -2.18
N PRO A 584 -0.81 17.95 -2.86
CA PRO A 584 -1.94 17.07 -2.62
C PRO A 584 -2.04 16.60 -1.16
N THR A 585 -0.91 16.36 -0.49
CA THR A 585 -0.93 15.99 0.91
C THR A 585 -1.35 17.18 1.80
N ASP A 586 -0.95 18.40 1.49
CA ASP A 586 -1.44 19.55 2.27
C ASP A 586 -2.98 19.63 2.19
N TYR A 587 -3.50 19.34 1.01
CA TYR A 587 -4.92 19.33 0.71
C TYR A 587 -5.70 18.24 1.46
N VAL A 588 -5.25 17.01 1.28
CA VAL A 588 -5.88 15.84 1.91
C VAL A 588 -5.82 16.00 3.43
N SER A 589 -4.65 16.34 3.97
CA SER A 589 -4.50 16.46 5.42
C SER A 589 -5.35 17.58 5.99
N SER A 590 -5.49 18.67 5.25
CA SER A 590 -6.32 19.81 5.69
C SER A 590 -7.80 19.42 5.85
N TYR A 591 -8.33 18.65 4.91
CA TYR A 591 -9.71 18.20 5.00
C TYR A 591 -9.88 17.11 6.05
N PHE A 592 -8.92 16.19 6.13
CA PHE A 592 -8.97 15.14 7.10
C PHE A 592 -9.06 15.70 8.51
N ASP A 593 -8.11 16.53 8.91
CA ASP A 593 -8.14 17.16 10.22
C ASP A 593 -9.42 17.99 10.46
N PHE A 594 -9.88 18.70 9.44
CA PHE A 594 -11.10 19.51 9.56
C PHE A 594 -12.32 18.66 9.89
N ALA A 595 -12.53 17.63 9.08
CA ALA A 595 -13.68 16.77 9.25
C ALA A 595 -13.67 16.15 10.60
N LYS A 596 -12.50 15.64 10.98
CA LYS A 596 -12.31 14.99 12.24
C LYS A 596 -12.53 15.93 13.44
N SER A 597 -12.16 17.21 13.32
CA SER A 597 -12.37 18.18 14.40
C SER A 597 -13.86 18.30 14.76
N ILE A 598 -14.75 18.17 13.78
CA ILE A 598 -16.19 18.25 13.97
C ILE A 598 -16.82 16.87 14.22
N ASN A 599 -16.31 15.83 13.58
CA ASN A 599 -16.81 14.47 13.72
C ASN A 599 -15.64 13.51 13.86
N PRO A 600 -15.34 13.08 15.09
CA PRO A 600 -14.19 12.18 15.36
C PRO A 600 -14.18 10.85 14.58
N GLU A 601 -15.34 10.44 14.05
CA GLU A 601 -15.45 9.20 13.27
C GLU A 601 -15.26 9.46 11.77
N ALA A 602 -14.92 10.70 11.40
CA ALA A 602 -14.78 11.04 9.98
C ALA A 602 -13.54 10.39 9.35
N VAL A 603 -13.67 10.09 8.06
CA VAL A 603 -12.63 9.40 7.30
C VAL A 603 -12.48 10.03 5.92
N SER A 604 -11.23 10.24 5.50
CA SER A 604 -10.95 10.69 4.14
C SER A 604 -10.58 9.48 3.27
N PHE A 605 -10.85 9.63 1.98
CA PHE A 605 -10.63 8.61 0.97
C PHE A 605 -10.03 9.42 -0.17
N SER A 606 -8.76 9.21 -0.45
CA SER A 606 -8.02 10.02 -1.45
C SER A 606 -7.17 9.19 -2.38
N ARG A 607 -6.58 9.83 -3.38
CA ARG A 607 -5.70 9.14 -4.32
C ARG A 607 -4.27 9.68 -4.42
N SER A 608 -4.08 10.97 -4.14
CA SER A 608 -2.76 11.54 -4.35
C SER A 608 -2.03 11.96 -3.08
N GLY A 609 -0.71 11.91 -3.13
CA GLY A 609 0.10 12.34 -2.02
C GLY A 609 1.58 12.02 -2.18
N THR A 610 2.33 12.38 -1.15
CA THR A 610 3.75 12.12 -1.07
C THR A 610 4.07 11.68 0.37
N SER A 611 5.34 11.75 0.77
N SER A 611 5.34 11.75 0.77
CA SER A 611 5.74 11.37 2.13
CA SER A 611 5.73 11.39 2.13
C SER A 611 4.86 12.10 3.13
C SER A 611 4.85 12.11 3.13
N GLY A 612 4.25 11.33 4.04
CA GLY A 612 3.36 11.89 5.06
C GLY A 612 1.90 11.65 4.73
N ALA A 613 1.63 11.16 3.54
CA ALA A 613 0.28 10.93 3.11
C ALA A 613 -0.44 10.02 4.08
N GLN A 614 0.28 9.03 4.60
CA GLN A 614 -0.24 8.05 5.53
C GLN A 614 -0.93 8.58 6.78
N LYS A 615 -0.62 9.82 7.18
CA LYS A 615 -1.28 10.41 8.36
C LYS A 615 -2.76 10.71 8.17
N SER A 616 -3.20 10.79 6.91
CA SER A 616 -4.53 11.24 6.62
C SER A 616 -5.48 10.36 5.80
N GLY A 617 -5.77 9.19 6.34
CA GLY A 617 -6.80 8.36 5.79
C GLY A 617 -6.45 7.36 4.75
N ILE A 618 -7.47 7.05 3.96
CA ILE A 618 -7.41 6.01 2.95
C ILE A 618 -6.95 6.50 1.60
N TYR A 619 -6.16 5.67 0.91
CA TYR A 619 -5.73 5.92 -0.47
C TYR A 619 -6.20 4.79 -1.35
N TRP A 620 -6.86 5.12 -2.45
CA TRP A 620 -7.30 4.10 -3.39
C TRP A 620 -6.48 4.26 -4.67
N SER A 621 -6.35 3.18 -5.42
CA SER A 621 -5.47 3.16 -6.60
C SER A 621 -5.91 3.93 -7.83
N GLY A 622 -6.99 4.67 -7.76
CA GLY A 622 -7.40 5.52 -8.89
C GLY A 622 -8.13 4.87 -10.02
N ASP A 623 -7.99 5.44 -11.21
CA ASP A 623 -8.81 5.07 -12.37
C ASP A 623 -8.23 3.98 -13.27
N GLN A 624 -8.78 2.78 -13.20
CA GLN A 624 -8.32 1.65 -14.00
C GLN A 624 -9.50 0.99 -14.77
N THR A 625 -9.27 -0.12 -15.46
CA THR A 625 -10.30 -0.79 -16.26
C THR A 625 -10.64 -2.14 -15.70
N SER A 626 -11.76 -2.69 -16.14
CA SER A 626 -12.27 -3.95 -15.66
C SER A 626 -11.64 -5.10 -16.45
N THR A 627 -10.35 -5.33 -16.23
CA THR A 627 -9.62 -6.36 -16.92
C THR A 627 -8.66 -7.01 -15.93
N PHE A 628 -8.20 -8.20 -16.28
CA PHE A 628 -7.21 -8.86 -15.49
C PHE A 628 -5.87 -8.12 -15.50
N ASP A 629 -5.45 -7.55 -16.63
CA ASP A 629 -4.22 -6.75 -16.62
C ASP A 629 -4.28 -5.64 -15.57
N SER A 630 -5.42 -4.95 -15.51
N SER A 630 -5.42 -4.97 -15.51
CA SER A 630 -5.59 -3.86 -14.53
CA SER A 630 -5.61 -3.90 -14.57
C SER A 630 -5.59 -4.39 -13.09
C SER A 630 -5.55 -4.41 -13.12
N PHE A 631 -6.20 -5.54 -12.87
CA PHE A 631 -6.23 -6.20 -11.56
C PHE A 631 -4.79 -6.49 -11.07
N GLN A 632 -3.97 -7.01 -11.98
CA GLN A 632 -2.57 -7.32 -11.64
C GLN A 632 -1.84 -6.05 -11.24
N ALA A 633 -2.10 -4.97 -11.98
CA ALA A 633 -1.50 -3.67 -11.69
C ALA A 633 -1.96 -3.09 -10.35
N SER A 634 -3.23 -3.27 -10.02
CA SER A 634 -3.78 -2.79 -8.78
C SER A 634 -3.08 -3.48 -7.62
N LEU A 635 -2.79 -4.73 -7.79
CA LEU A 635 -2.14 -5.47 -6.69
C LEU A 635 -0.69 -4.95 -6.52
N LYS A 636 -0.02 -4.66 -7.62
CA LYS A 636 1.31 -4.11 -7.54
C LYS A 636 1.29 -2.73 -6.82
N ALA A 637 0.25 -1.95 -7.08
CA ALA A 637 0.09 -0.64 -6.48
C ALA A 637 -0.12 -0.75 -4.98
N GLY A 638 -0.98 -1.66 -4.54
CA GLY A 638 -1.16 -1.86 -3.10
C GLY A 638 0.08 -2.40 -2.35
N LEU A 639 0.82 -3.29 -2.99
CA LEU A 639 2.03 -3.88 -2.41
C LEU A 639 3.17 -2.85 -2.30
N SER A 640 3.34 -2.01 -3.33
CA SER A 640 4.37 -0.98 -3.28
C SER A 640 3.98 0.13 -2.29
N ALA A 641 2.72 0.57 -2.34
CA ALA A 641 2.21 1.54 -1.41
C ALA A 641 2.43 1.07 0.03
N SER A 642 2.20 -0.22 0.31
CA SER A 642 2.44 -0.81 1.62
C SER A 642 3.87 -0.64 2.17
N THR A 643 4.85 -0.99 1.34
CA THR A 643 6.26 -0.85 1.67
C THR A 643 6.59 0.62 1.94
N SER A 644 5.89 1.51 1.25
CA SER A 644 6.06 2.97 1.41
C SER A 644 5.27 3.57 2.57
N GLY A 645 4.71 2.73 3.47
CA GLY A 645 4.00 3.21 4.65
C GLY A 645 2.54 3.58 4.47
N VAL A 646 2.01 3.41 3.26
CA VAL A 646 0.59 3.63 3.01
C VAL A 646 -0.11 2.25 3.09
N SER A 647 -0.59 1.96 4.28
CA SER A 647 -1.22 0.70 4.64
C SER A 647 -2.71 0.64 4.38
N TYR A 648 -3.42 1.75 4.61
CA TYR A 648 -4.87 1.77 4.44
C TYR A 648 -5.18 2.08 2.97
N TRP A 649 -5.05 1.02 2.16
CA TRP A 649 -5.14 1.12 0.70
C TRP A 649 -6.32 0.35 0.18
N ALA A 650 -6.94 0.92 -0.84
CA ALA A 650 -8.11 0.37 -1.50
C ALA A 650 -7.88 0.43 -3.02
N TRP A 651 -8.80 -0.20 -3.73
CA TRP A 651 -8.88 -0.18 -5.19
C TRP A 651 -10.35 -0.32 -5.56
N ASP A 652 -10.70 0.06 -6.80
CA ASP A 652 -12.06 -0.14 -7.26
C ASP A 652 -12.12 -1.61 -7.66
N MSE A 653 -12.80 -2.43 -6.87
N MSE A 653 -12.69 -2.48 -6.83
CA MSE A 653 -12.94 -3.84 -7.16
CA MSE A 653 -12.64 -3.91 -7.13
C MSE A 653 -13.33 -4.17 -8.58
C MSE A 653 -13.27 -4.21 -8.47
O MSE A 653 -14.37 -3.72 -9.04
O MSE A 653 -14.41 -3.86 -8.74
CB MSE A 653 -14.15 -4.26 -6.33
CB MSE A 653 -13.22 -4.83 -6.06
CG MSE A 653 -13.80 -5.09 -5.13
CG MSE A 653 -14.64 -4.42 -5.64
SE MSE A 653 -15.50 -5.57 -4.28
SE MSE A 653 -15.59 -6.03 -5.00
CE MSE A 653 -16.43 -6.07 -5.95
CE MSE A 653 -15.77 -6.92 -6.74
N ALA A 654 -12.51 -4.95 -9.28
CA ALA A 654 -12.86 -5.39 -10.62
C ALA A 654 -12.86 -4.27 -11.67
N GLY A 655 -12.32 -3.09 -11.34
CA GLY A 655 -12.25 -1.96 -12.25
C GLY A 655 -13.52 -1.12 -12.23
N PHE A 656 -13.39 0.20 -12.42
CA PHE A 656 -14.56 1.12 -12.42
C PHE A 656 -15.12 1.47 -13.82
N THR A 657 -14.39 1.13 -14.88
CA THR A 657 -14.87 1.40 -16.20
C THR A 657 -14.31 0.40 -17.20
N GLY A 658 -14.84 0.49 -18.41
CA GLY A 658 -14.47 -0.38 -19.49
C GLY A 658 -15.70 -1.23 -19.65
N ASP A 659 -15.62 -2.21 -20.52
CA ASP A 659 -16.70 -3.17 -20.66
C ASP A 659 -16.91 -3.78 -19.29
N TYR A 660 -18.16 -4.10 -18.98
CA TYR A 660 -18.50 -4.61 -17.68
C TYR A 660 -17.68 -5.88 -17.38
N PRO A 661 -17.17 -6.02 -16.14
CA PRO A 661 -16.36 -7.21 -15.91
C PRO A 661 -17.10 -8.53 -16.10
N THR A 662 -16.36 -9.59 -16.46
CA THR A 662 -16.91 -10.92 -16.62
C THR A 662 -17.21 -11.43 -15.22
N ALA A 663 -18.06 -12.43 -15.12
CA ALA A 663 -18.33 -13.04 -13.84
C ALA A 663 -17.02 -13.55 -13.20
N GLU A 664 -16.12 -14.08 -14.02
CA GLU A 664 -14.86 -14.62 -13.53
C GLU A 664 -14.00 -13.50 -12.90
N LEU A 665 -13.83 -12.37 -13.58
CA LEU A 665 -13.06 -11.25 -13.03
C LEU A 665 -13.74 -10.74 -11.76
N TYR A 666 -15.07 -10.58 -11.78
CA TYR A 666 -15.74 -10.03 -10.62
C TYR A 666 -15.53 -10.95 -9.39
N LYS A 667 -15.66 -12.23 -9.65
CA LYS A 667 -15.42 -13.24 -8.56
C LYS A 667 -13.94 -13.25 -8.03
N ARG A 668 -12.96 -13.24 -8.94
CA ARG A 668 -11.54 -13.23 -8.54
C ARG A 668 -11.20 -11.92 -7.80
N ALA A 669 -11.73 -10.81 -8.30
CA ALA A 669 -11.52 -9.50 -7.69
C ALA A 669 -12.17 -9.40 -6.33
N THR A 670 -13.40 -9.92 -6.19
CA THR A 670 -14.09 -9.91 -4.90
C THR A 670 -13.29 -10.64 -3.81
N ALA A 671 -12.68 -11.74 -4.21
CA ALA A 671 -11.91 -12.57 -3.26
C ALA A 671 -10.73 -11.80 -2.66
N MSE A 672 -9.91 -11.22 -3.56
CA MSE A 672 -8.78 -10.40 -3.20
C MSE A 672 -9.24 -9.22 -2.42
O MSE A 672 -8.60 -8.90 -1.41
CB MSE A 672 -7.99 -9.88 -4.44
CG MSE A 672 -6.63 -9.18 -4.19
SE MSE A 672 -6.79 -7.26 -3.77
CE MSE A 672 -6.04 -6.27 -5.31
N ALA A 673 -10.25 -8.46 -2.91
CA ALA A 673 -10.71 -7.26 -2.21
C ALA A 673 -11.11 -7.51 -0.76
N ALA A 674 -11.72 -8.65 -0.50
CA ALA A 674 -12.16 -9.03 0.83
C ALA A 674 -10.96 -9.29 1.75
N PHE A 675 -9.83 -9.69 1.18
CA PHE A 675 -8.59 -9.95 1.93
C PHE A 675 -7.55 -8.83 1.56
N ALA A 676 -8.04 -7.59 1.57
CA ALA A 676 -7.18 -6.40 1.32
C ALA A 676 -7.43 -5.35 2.41
N PRO A 677 -6.59 -4.31 2.51
CA PRO A 677 -6.82 -3.38 3.62
C PRO A 677 -8.20 -2.71 3.65
N ILE A 678 -8.65 -2.19 2.51
CA ILE A 678 -9.92 -1.51 2.38
C ILE A 678 -10.67 -2.13 1.19
N MSE A 679 -11.90 -2.57 1.44
CA MSE A 679 -12.72 -3.21 0.43
C MSE A 679 -13.74 -2.23 -0.08
O MSE A 679 -14.57 -1.72 0.70
CB MSE A 679 -13.37 -4.43 1.06
CG MSE A 679 -14.13 -5.22 0.00
SE MSE A 679 -15.20 -6.61 0.87
CE MSE A 679 -15.75 -7.53 -0.76
N GLN A 680 -13.74 -2.00 -1.40
CA GLN A 680 -14.61 -0.99 -2.00
C GLN A 680 -14.94 -1.22 -3.48
N PHE A 681 -16.23 -1.12 -3.84
CA PHE A 681 -16.64 -1.17 -5.26
C PHE A 681 -17.04 0.23 -5.73
N HIS A 682 -16.90 0.42 -7.03
CA HIS A 682 -17.12 1.72 -7.63
C HIS A 682 -17.24 1.65 -9.16
N SER A 683 -17.83 2.68 -9.73
CA SER A 683 -18.00 2.79 -11.17
C SER A 683 -17.97 4.25 -11.66
N GLU A 684 -17.49 4.41 -12.89
CA GLU A 684 -17.29 5.74 -13.51
C GLU A 684 -18.51 6.43 -14.08
N LYS A 685 -19.27 5.70 -14.88
CA LYS A 685 -20.39 6.29 -15.64
C LYS A 685 -21.39 7.07 -14.84
N SER A 686 -21.77 8.24 -15.35
CA SER A 686 -22.64 9.15 -14.63
C SER A 686 -24.14 8.87 -14.80
N ASP A 687 -24.55 8.35 -15.97
CA ASP A 687 -25.97 8.09 -16.20
C ASP A 687 -26.11 6.99 -17.27
N PRO A 688 -25.54 5.81 -17.01
CA PRO A 688 -25.59 4.75 -18.02
C PRO A 688 -26.92 4.00 -18.07
N SER A 689 -27.14 3.30 -19.17
CA SER A 689 -28.27 2.41 -19.31
C SER A 689 -27.81 1.23 -20.15
N PRO A 690 -27.73 0.03 -19.57
CA PRO A 690 -28.03 -0.37 -18.19
C PRO A 690 -26.94 0.07 -17.21
N SER A 691 -27.27 -0.07 -15.93
CA SER A 691 -26.39 0.34 -14.83
C SER A 691 -25.00 -0.25 -14.92
N GLU A 692 -24.01 0.55 -14.52
CA GLU A 692 -22.59 0.17 -14.51
C GLU A 692 -22.07 -0.11 -13.08
N GLU A 693 -22.99 -0.11 -12.12
CA GLU A 693 -22.66 -0.42 -10.75
C GLU A 693 -21.82 -1.68 -10.69
N ARG A 694 -20.72 -1.60 -9.95
CA ARG A 694 -19.92 -2.83 -9.64
C ARG A 694 -20.43 -3.50 -8.36
N SER A 695 -21.68 -3.26 -8.05
CA SER A 695 -22.34 -3.92 -6.94
C SER A 695 -22.59 -5.42 -7.33
N PRO A 696 -22.69 -6.30 -6.35
CA PRO A 696 -22.91 -7.73 -6.63
C PRO A 696 -24.26 -8.05 -7.30
N TRP A 697 -25.28 -7.32 -6.88
CA TRP A 697 -26.61 -7.46 -7.48
C TRP A 697 -26.59 -6.94 -8.94
N ASN A 698 -25.91 -5.83 -9.21
CA ASN A 698 -25.85 -5.41 -10.61
C ASN A 698 -24.95 -6.35 -11.40
N ALA A 699 -23.95 -6.96 -10.78
CA ALA A 699 -23.08 -7.88 -11.52
C ALA A 699 -23.89 -9.10 -11.94
N VAL A 700 -24.79 -9.58 -11.07
CA VAL A 700 -25.67 -10.70 -11.44
C VAL A 700 -26.55 -10.26 -12.62
N ALA A 701 -27.13 -9.06 -12.53
CA ALA A 701 -27.99 -8.55 -13.58
C ALA A 701 -27.23 -8.51 -14.89
N ARG A 702 -26.01 -7.96 -14.90
CA ARG A 702 -25.28 -7.74 -16.16
C ARG A 702 -24.67 -8.99 -16.76
N THR A 703 -24.17 -9.89 -15.93
CA THR A 703 -23.54 -11.10 -16.47
C THR A 703 -24.54 -12.23 -16.65
N GLY A 704 -25.67 -12.13 -15.96
CA GLY A 704 -26.64 -13.23 -15.93
C GLY A 704 -26.22 -14.40 -15.06
N ASP A 705 -25.10 -14.29 -14.34
CA ASP A 705 -24.59 -15.37 -13.49
C ASP A 705 -24.99 -15.16 -12.05
N GLU A 706 -26.05 -15.82 -11.64
CA GLU A 706 -26.57 -15.72 -10.29
C GLU A 706 -25.62 -16.21 -9.18
N THR A 707 -24.65 -17.05 -9.53
CA THR A 707 -23.72 -17.58 -8.52
C THR A 707 -22.78 -16.50 -7.99
N ILE A 708 -22.71 -15.38 -8.70
CA ILE A 708 -21.90 -14.28 -8.20
C ILE A 708 -22.31 -13.85 -6.81
N LEU A 709 -23.62 -13.81 -6.56
CA LEU A 709 -24.13 -13.36 -5.27
C LEU A 709 -23.61 -14.18 -4.08
N PRO A 710 -23.82 -15.54 -4.03
CA PRO A 710 -23.31 -16.29 -2.87
C PRO A 710 -21.78 -16.28 -2.75
N THR A 711 -21.06 -16.09 -3.85
CA THR A 711 -19.60 -16.03 -3.77
C THR A 711 -19.19 -14.73 -3.09
N PHE A 712 -19.79 -13.60 -3.53
CA PHE A 712 -19.55 -12.29 -2.92
C PHE A 712 -19.91 -12.35 -1.44
N GLN A 713 -21.06 -12.92 -1.12
CA GLN A 713 -21.51 -13.06 0.25
C GLN A 713 -20.47 -13.81 1.05
N LYS A 714 -20.03 -14.96 0.55
CA LYS A 714 -19.00 -15.75 1.24
C LYS A 714 -17.80 -14.91 1.66
N TYR A 715 -17.29 -14.10 0.71
CA TYR A 715 -16.10 -13.30 0.98
C TYR A 715 -16.40 -12.16 1.92
N LEU A 716 -17.43 -11.37 1.62
CA LEU A 716 -17.83 -10.30 2.55
C LEU A 716 -18.06 -10.84 3.98
N TYR A 717 -18.77 -11.97 4.12
CA TYR A 717 -19.06 -12.49 5.45
C TYR A 717 -17.76 -12.94 6.12
N THR A 718 -16.84 -13.52 5.34
CA THR A 718 -15.53 -13.96 5.88
C THR A 718 -14.75 -12.77 6.38
N ARG A 719 -14.76 -11.67 5.61
CA ARG A 719 -14.08 -10.48 6.07
C ARG A 719 -14.68 -9.98 7.39
N MSE A 720 -16.01 -9.94 7.49
CA MSE A 720 -16.65 -9.49 8.73
C MSE A 720 -16.32 -10.51 9.86
O MSE A 720 -16.10 -10.09 10.96
CB MSE A 720 -18.14 -9.25 8.57
CG MSE A 720 -18.43 -8.18 7.51
SE MSE A 720 -17.45 -6.51 7.86
CE MSE A 720 -18.68 -5.86 9.25
N ASN A 721 -16.24 -11.80 9.58
CA ASN A 721 -15.83 -12.80 10.58
C ASN A 721 -14.41 -12.52 11.09
N LEU A 722 -13.56 -12.02 10.19
CA LEU A 722 -12.17 -11.69 10.48
C LEU A 722 -11.94 -10.24 10.93
N LEU A 723 -13.00 -9.47 11.08
CA LEU A 723 -12.85 -8.05 11.39
C LEU A 723 -12.06 -7.78 12.67
N PRO A 724 -12.17 -8.65 13.69
CA PRO A 724 -11.32 -8.43 14.86
C PRO A 724 -9.82 -8.57 14.59
N TYR A 725 -9.45 -9.56 13.78
CA TYR A 725 -8.04 -9.74 13.35
C TYR A 725 -7.61 -8.54 12.45
N ILE A 726 -8.49 -8.16 11.55
CA ILE A 726 -8.20 -7.05 10.62
C ILE A 726 -8.01 -5.71 11.33
N TYR A 727 -8.91 -5.41 12.26
CA TYR A 727 -8.84 -4.17 12.98
C TYR A 727 -7.64 -4.14 13.92
N THR A 728 -7.26 -5.29 14.49
CA THR A 728 -6.06 -5.33 15.30
C THR A 728 -4.83 -5.03 14.41
N ALA A 729 -4.86 -5.47 13.15
CA ALA A 729 -3.72 -5.24 12.25
C ALA A 729 -3.72 -3.76 11.84
N ALA A 730 -4.90 -3.18 11.76
CA ALA A 730 -5.00 -1.75 11.46
C ALA A 730 -4.36 -0.96 12.60
N LYS A 731 -4.56 -1.37 13.85
CA LYS A 731 -3.92 -0.68 14.95
C LYS A 731 -2.39 -0.91 14.97
N ASP A 732 -1.94 -2.11 14.63
CA ASP A 732 -0.50 -2.42 14.54
C ASP A 732 0.17 -1.50 13.47
N THR A 733 -0.54 -1.25 12.39
CA THR A 733 -0.01 -0.31 11.38
C THR A 733 0.23 1.07 12.00
N ALA A 734 -0.77 1.57 12.71
CA ALA A 734 -0.72 2.90 13.32
C ALA A 734 0.38 3.02 14.37
N ASP A 735 0.52 2.00 15.20
CA ASP A 735 1.51 2.01 16.28
C ASP A 735 2.91 1.58 15.92
N ASN A 736 3.04 0.56 15.08
CA ASN A 736 4.36 -0.07 14.82
C ASN A 736 4.80 -0.13 13.38
N GLY A 737 4.14 0.62 12.51
CA GLY A 737 4.56 0.70 11.12
C GLY A 737 4.43 -0.50 10.23
N LYS A 738 3.78 -1.56 10.72
CA LYS A 738 3.59 -2.77 9.93
C LYS A 738 2.32 -2.68 9.10
N SER A 739 2.49 -2.54 7.80
CA SER A 739 1.36 -2.51 6.89
C SER A 739 0.52 -3.79 6.92
N MSE A 740 -0.76 -3.61 6.61
CA MSE A 740 -1.75 -4.69 6.67
C MSE A 740 -1.55 -5.75 5.62
O MSE A 740 -1.71 -6.95 5.92
CB MSE A 740 -3.16 -4.10 6.58
CG MSE A 740 -3.48 -3.31 7.84
SE MSE A 740 -5.16 -2.33 7.62
CE MSE A 740 -6.34 -3.89 7.81
N MSE A 741 -1.22 -5.31 4.40
CA MSE A 741 -0.96 -6.17 3.26
C MSE A 741 0.49 -5.96 2.84
O MSE A 741 0.88 -4.82 2.54
CB MSE A 741 -1.89 -5.72 2.11
CG MSE A 741 -1.56 -6.49 0.86
SE MSE A 741 -2.99 -6.33 -0.51
CE MSE A 741 -2.49 -4.50 -0.78
N ARG A 742 1.27 -7.02 2.75
CA ARG A 742 2.72 -6.90 2.49
C ARG A 742 3.26 -7.88 1.47
N GLN A 743 4.14 -7.39 0.62
CA GLN A 743 4.85 -8.19 -0.37
C GLN A 743 5.70 -9.20 0.44
N MSE A 744 5.85 -10.40 -0.09
CA MSE A 744 6.47 -11.52 0.65
C MSE A 744 7.85 -11.24 1.19
O MSE A 744 8.20 -11.66 2.30
CB MSE A 744 6.55 -12.80 -0.18
CG MSE A 744 5.17 -13.28 -0.65
SE MSE A 744 3.97 -13.81 0.84
CE MSE A 744 4.98 -15.27 1.65
N ALA A 745 8.66 -10.53 0.43
CA ALA A 745 10.02 -10.22 0.90
C ALA A 745 10.08 -9.24 2.10
N MSE A 746 8.94 -8.64 2.50
CA MSE A 746 8.91 -7.74 3.66
C MSE A 746 9.04 -8.61 4.90
O MSE A 746 9.65 -8.18 5.88
CB MSE A 746 7.68 -6.84 3.78
CG MSE A 746 7.55 -5.96 2.53
SE MSE A 746 8.96 -4.58 2.46
CE MSE A 746 8.75 -3.82 4.24
N ASP A 747 8.48 -9.82 4.85
CA ASP A 747 8.59 -10.76 5.97
C ASP A 747 9.73 -11.76 5.76
N TYR A 748 10.09 -12.09 4.52
CA TYR A 748 11.20 -13.03 4.26
C TYR A 748 12.26 -12.45 3.28
N PRO A 749 13.00 -11.41 3.71
CA PRO A 749 13.91 -10.73 2.79
C PRO A 749 15.10 -11.61 2.31
N GLU A 750 15.44 -12.67 3.05
CA GLU A 750 16.53 -13.56 2.64
C GLU A 750 16.09 -14.71 1.74
N ASP A 751 14.80 -14.92 1.64
CA ASP A 751 14.27 -16.00 0.80
C ASP A 751 14.30 -15.62 -0.69
N VAL A 752 15.19 -16.26 -1.43
CA VAL A 752 15.34 -15.99 -2.86
C VAL A 752 14.08 -16.21 -3.67
N ASN A 753 13.19 -17.10 -3.22
CA ASN A 753 11.93 -17.31 -3.93
C ASN A 753 10.84 -16.26 -3.68
N ALA A 754 11.04 -15.40 -2.70
CA ALA A 754 10.07 -14.38 -2.36
C ALA A 754 10.32 -13.02 -3.02
N ARG A 755 11.48 -12.84 -3.64
CA ARG A 755 11.89 -11.48 -4.09
C ARG A 755 10.99 -10.74 -5.04
N ASP A 756 10.45 -11.46 -6.01
CA ASP A 756 9.70 -10.82 -7.09
C ASP A 756 8.22 -11.17 -7.08
N LEU A 757 7.77 -11.87 -6.06
CA LEU A 757 6.35 -12.30 -6.06
C LEU A 757 5.36 -11.14 -6.03
N ASP A 758 4.43 -11.15 -6.97
CA ASP A 758 3.40 -10.12 -7.04
C ASP A 758 1.98 -10.62 -7.17
N GLU A 759 1.76 -11.92 -6.92
CA GLU A 759 0.41 -12.49 -7.05
C GLU A 759 0.02 -13.26 -5.75
N GLN A 760 0.68 -12.86 -4.67
CA GLN A 760 0.34 -13.30 -3.34
C GLN A 760 0.96 -12.32 -2.36
N TYR A 761 0.54 -12.39 -1.11
CA TYR A 761 1.00 -11.50 -0.08
C TYR A 761 0.59 -11.97 1.32
N MSE A 762 1.10 -11.27 2.32
CA MSE A 762 0.77 -11.54 3.73
C MSE A 762 -0.30 -10.53 4.07
O MSE A 762 -0.32 -9.40 3.54
CB MSE A 762 1.98 -11.30 4.62
CG MSE A 762 3.13 -12.25 4.27
SE MSE A 762 2.70 -14.14 4.66
CE MSE A 762 2.11 -14.03 6.52
N PHE A 763 -1.26 -10.95 4.89
CA PHE A 763 -2.35 -10.08 5.36
C PHE A 763 -2.43 -10.18 6.85
N GLY A 764 -2.20 -9.06 7.53
CA GLY A 764 -2.01 -9.14 8.97
C GLY A 764 -0.69 -9.89 9.19
N ASP A 765 -0.43 -10.39 10.39
CA ASP A 765 0.85 -11.04 10.65
C ASP A 765 0.91 -12.49 10.19
N ASP A 766 -0.25 -13.16 10.19
CA ASP A 766 -0.32 -14.59 9.99
C ASP A 766 -1.04 -15.22 8.80
N LEU A 767 -1.62 -14.42 7.89
CA LEU A 767 -2.31 -15.03 6.79
C LEU A 767 -1.58 -14.80 5.49
N LEU A 768 -1.39 -15.89 4.74
CA LEU A 768 -0.79 -15.78 3.39
C LEU A 768 -1.92 -15.85 2.37
N VAL A 769 -2.12 -14.78 1.57
CA VAL A 769 -3.24 -14.76 0.60
C VAL A 769 -2.72 -14.84 -0.85
N ALA A 770 -3.36 -15.67 -1.65
CA ALA A 770 -2.85 -15.98 -2.99
C ALA A 770 -3.97 -15.91 -4.00
N PRO A 771 -4.32 -14.68 -4.38
CA PRO A 771 -5.38 -14.41 -5.33
C PRO A 771 -5.04 -14.90 -6.74
N ILE A 772 -6.06 -15.31 -7.47
CA ILE A 772 -5.87 -15.78 -8.83
C ILE A 772 -6.13 -14.53 -9.64
N VAL A 773 -5.07 -14.05 -10.27
CA VAL A 773 -5.15 -12.80 -11.03
C VAL A 773 -4.93 -12.98 -12.56
N GLN A 774 -5.07 -14.19 -13.07
CA GLN A 774 -4.89 -14.54 -14.48
C GLN A 774 -6.17 -15.14 -14.99
N GLU A 775 -6.57 -14.68 -16.17
CA GLU A 775 -7.79 -15.10 -16.77
C GLU A 775 -7.65 -16.55 -17.14
N GLY A 776 -8.65 -17.34 -16.78
CA GLY A 776 -8.73 -18.73 -17.15
C GLY A 776 -7.96 -19.66 -16.24
N GLN A 777 -7.31 -19.10 -15.23
CA GLN A 777 -6.46 -19.91 -14.38
C GLN A 777 -7.29 -20.61 -13.29
N THR A 778 -6.95 -21.85 -13.06
CA THR A 778 -7.50 -22.62 -11.93
C THR A 778 -6.40 -23.38 -11.17
N GLU A 779 -5.18 -23.45 -11.69
CA GLU A 779 -4.07 -24.14 -10.97
C GLU A 779 -3.17 -23.02 -10.47
N LYS A 780 -3.27 -22.71 -9.19
CA LYS A 780 -2.58 -21.59 -8.61
C LYS A 780 -1.32 -21.98 -7.90
N GLU A 781 -0.20 -21.36 -8.30
CA GLU A 781 1.07 -21.62 -7.65
C GLU A 781 1.11 -20.75 -6.43
N VAL A 782 1.54 -21.31 -5.32
CA VAL A 782 1.70 -20.53 -4.13
C VAL A 782 3.07 -20.87 -3.55
N TYR A 783 3.92 -19.85 -3.40
CA TYR A 783 5.19 -20.03 -2.77
C TYR A 783 5.02 -20.02 -1.26
N LEU A 784 5.41 -21.14 -0.59
CA LEU A 784 5.34 -21.20 0.85
C LEU A 784 6.72 -21.08 1.46
N PRO A 785 6.95 -20.03 2.26
CA PRO A 785 8.21 -19.94 2.95
C PRO A 785 8.30 -21.02 4.04
N GLU A 786 9.50 -21.12 4.62
CA GLU A 786 9.80 -22.00 5.77
C GLU A 786 8.64 -22.11 6.78
N GLY A 787 8.43 -23.30 7.29
CA GLY A 787 7.41 -23.55 8.30
C GLY A 787 6.22 -24.29 7.77
N GLU A 788 5.19 -24.40 8.58
CA GLU A 788 3.98 -25.13 8.23
C GLU A 788 2.85 -24.14 8.00
N TRP A 789 2.06 -24.38 6.97
CA TRP A 789 0.97 -23.50 6.58
C TRP A 789 -0.31 -24.33 6.53
N VAL A 790 -1.40 -23.77 7.07
CA VAL A 790 -2.67 -24.48 7.09
C VAL A 790 -3.74 -23.71 6.35
N ASP A 791 -4.37 -24.40 5.40
CA ASP A 791 -5.51 -23.89 4.65
C ASP A 791 -6.61 -23.50 5.64
N ILE A 792 -6.99 -22.22 5.66
CA ILE A 792 -7.98 -21.80 6.64
C ILE A 792 -9.39 -22.25 6.37
N TRP A 793 -9.65 -22.75 5.18
CA TRP A 793 -10.98 -23.16 4.80
C TRP A 793 -11.28 -24.60 5.15
N ASN A 794 -10.24 -25.46 5.19
CA ASN A 794 -10.45 -26.90 5.37
C ASN A 794 -9.43 -27.68 6.25
N GLY A 795 -8.33 -27.05 6.66
CA GLY A 795 -7.34 -27.69 7.55
C GLY A 795 -6.26 -28.53 6.87
N GLY A 796 -6.13 -28.31 5.57
CA GLY A 796 -5.13 -28.97 4.79
C GLY A 796 -3.80 -28.38 5.22
N VAL A 797 -2.83 -29.25 5.44
CA VAL A 797 -1.53 -28.86 5.95
C VAL A 797 -0.51 -28.84 4.84
N HIS A 798 0.26 -27.75 4.71
CA HIS A 798 1.29 -27.64 3.68
C HIS A 798 2.66 -27.26 4.25
N PRO A 799 3.59 -28.24 4.40
CA PRO A 799 4.93 -27.80 4.81
C PRO A 799 5.49 -26.70 3.84
N GLY A 800 6.30 -25.80 4.39
CA GLY A 800 6.84 -24.68 3.62
C GLY A 800 8.13 -25.02 2.92
N GLY A 801 8.65 -24.06 2.19
CA GLY A 801 9.90 -24.21 1.47
C GLY A 801 9.79 -24.70 0.03
N GLU A 802 8.64 -24.51 -0.59
N GLU A 802 8.64 -24.51 -0.59
CA GLU A 802 8.45 -24.95 -1.95
CA GLU A 802 8.47 -24.95 -1.96
C GLU A 802 7.25 -24.22 -2.52
C GLU A 802 7.26 -24.23 -2.52
N THR A 803 7.08 -24.33 -3.84
CA THR A 803 5.95 -23.73 -4.47
C THR A 803 4.96 -24.86 -4.68
N ILE A 804 3.78 -24.74 -4.10
CA ILE A 804 2.76 -25.74 -4.27
C ILE A 804 1.80 -25.31 -5.37
N SER A 805 1.00 -26.26 -5.82
CA SER A 805 -0.08 -26.06 -6.76
C SER A 805 -1.44 -26.31 -6.08
N TYR A 806 -2.22 -25.24 -5.95
CA TYR A 806 -3.54 -25.26 -5.30
C TYR A 806 -4.57 -25.12 -6.36
N TYR A 807 -5.46 -26.09 -6.43
CA TYR A 807 -6.56 -26.09 -7.37
C TYR A 807 -7.61 -25.13 -6.82
N ALA A 808 -7.85 -24.02 -7.54
CA ALA A 808 -8.82 -23.03 -7.11
C ALA A 808 -9.80 -22.77 -8.19
N ASP A 809 -11.02 -23.26 -8.01
CA ASP A 809 -12.04 -22.93 -9.01
C ASP A 809 -12.35 -21.46 -8.84
N VAL A 810 -13.26 -20.92 -9.66
CA VAL A 810 -13.55 -19.49 -9.70
C VAL A 810 -14.10 -18.91 -8.39
N ASP A 811 -14.63 -19.79 -7.54
CA ASP A 811 -15.17 -19.36 -6.27
C ASP A 811 -14.17 -19.46 -5.13
N THR A 812 -12.98 -20.02 -5.38
CA THR A 812 -12.01 -20.35 -4.34
C THR A 812 -10.78 -19.47 -4.29
N LEU A 813 -10.39 -19.13 -3.08
CA LEU A 813 -9.20 -18.35 -2.78
C LEU A 813 -8.22 -19.06 -1.84
N PRO A 814 -6.99 -19.34 -2.30
CA PRO A 814 -6.07 -19.92 -1.32
C PRO A 814 -5.67 -18.92 -0.25
N VAL A 815 -5.91 -19.32 1.00
CA VAL A 815 -5.55 -18.55 2.16
C VAL A 815 -5.01 -19.51 3.21
N PHE A 816 -3.84 -19.20 3.75
CA PHE A 816 -3.15 -20.07 4.72
C PHE A 816 -2.69 -19.35 5.98
N ALA A 817 -2.78 -20.07 7.10
CA ALA A 817 -2.38 -19.59 8.39
C ALA A 817 -1.00 -20.08 8.75
N LYS A 818 -0.16 -19.15 9.18
CA LYS A 818 1.20 -19.44 9.59
C LYS A 818 1.22 -20.24 10.88
N ALA A 819 2.27 -21.03 11.05
CA ALA A 819 2.44 -21.81 12.25
C ALA A 819 2.41 -20.90 13.48
N GLY A 820 1.63 -21.29 14.50
CA GLY A 820 1.53 -20.52 15.74
C GLY A 820 0.52 -19.40 15.73
N ALA A 821 -0.13 -19.15 14.59
CA ALA A 821 -1.13 -18.13 14.49
C ALA A 821 -2.25 -18.25 15.51
N ILE A 822 -2.61 -17.08 16.03
CA ILE A 822 -3.75 -16.89 16.91
C ILE A 822 -4.55 -15.82 16.18
N ILE A 823 -5.77 -16.14 15.75
CA ILE A 823 -6.57 -15.22 14.95
C ILE A 823 -7.95 -14.96 15.55
N PRO A 824 -8.20 -13.74 16.05
CA PRO A 824 -9.53 -13.44 16.57
C PRO A 824 -10.55 -13.33 15.49
N MSE A 825 -11.75 -13.83 15.79
CA MSE A 825 -12.84 -13.81 14.85
C MSE A 825 -14.15 -13.56 15.51
O MSE A 825 -14.32 -13.80 16.71
CB MSE A 825 -12.93 -15.18 14.16
CG MSE A 825 -11.60 -15.66 13.56
SE MSE A 825 -11.83 -17.49 12.84
CE MSE A 825 -10.24 -17.45 11.67
N ASN A 826 -15.11 -13.09 14.73
CA ASN A 826 -16.46 -12.85 15.18
C ASN A 826 -17.36 -13.84 14.43
N MSE A 827 -17.79 -14.89 15.13
CA MSE A 827 -18.53 -16.00 14.52
C MSE A 827 -20.01 -16.04 14.91
O MSE A 827 -20.41 -15.47 15.92
CB MSE A 827 -17.90 -17.32 15.02
CG MSE A 827 -16.45 -17.61 14.62
SE MSE A 827 -16.20 -17.49 12.65
CE MSE A 827 -15.26 -19.20 12.68
N THR A 828 -20.84 -16.68 14.08
CA THR A 828 -22.22 -16.92 14.44
C THR A 828 -22.17 -18.22 15.29
N ASP A 829 -23.34 -18.71 15.71
CA ASP A 829 -23.47 -20.01 16.36
C ASP A 829 -23.10 -21.18 15.40
N GLY A 830 -22.99 -20.90 14.11
CA GLY A 830 -22.53 -21.85 13.09
C GLY A 830 -21.03 -22.11 13.23
N TYR A 831 -20.29 -21.10 13.68
CA TYR A 831 -18.84 -21.24 13.91
C TYR A 831 -17.98 -21.64 12.70
N GLN A 832 -18.37 -21.23 11.49
CA GLN A 832 -17.57 -21.50 10.32
C GLN A 832 -17.37 -20.16 9.60
N LEU A 833 -16.25 -20.04 8.93
CA LEU A 833 -15.96 -18.85 8.11
C LEU A 833 -17.02 -18.77 7.05
N GLY A 834 -17.40 -17.56 6.67
CA GLY A 834 -18.40 -17.40 5.65
C GLY A 834 -19.83 -17.30 6.13
N GLN A 835 -20.05 -17.26 7.45
CA GLN A 835 -21.39 -17.12 8.03
C GLN A 835 -21.62 -15.63 8.41
N ASN A 836 -22.75 -15.10 7.97
CA ASN A 836 -23.10 -13.68 8.16
C ASN A 836 -23.31 -13.26 9.60
N VAL A 837 -22.41 -12.43 10.09
CA VAL A 837 -22.45 -12.01 11.47
C VAL A 837 -23.08 -10.62 11.54
N GLY A 838 -23.26 -9.97 10.37
CA GLY A 838 -23.88 -8.64 10.28
C GLY A 838 -22.84 -7.53 10.17
N ASN A 839 -23.19 -6.32 10.57
CA ASN A 839 -22.23 -5.24 10.56
C ASN A 839 -22.29 -4.46 11.86
N ASP A 840 -22.53 -5.18 12.96
CA ASP A 840 -22.57 -4.53 14.27
C ASP A 840 -21.10 -4.30 14.64
N LEU A 841 -20.78 -3.05 14.92
CA LEU A 841 -19.42 -2.67 15.23
C LEU A 841 -19.18 -2.46 16.71
N LYS A 842 -20.28 -2.47 17.47
CA LYS A 842 -20.24 -2.18 18.89
C LYS A 842 -20.34 -3.40 19.82
N SER A 843 -20.48 -4.59 19.26
CA SER A 843 -20.48 -5.84 20.05
C SER A 843 -20.04 -7.02 19.18
N TYR A 844 -19.74 -8.14 19.81
CA TYR A 844 -19.42 -9.37 19.10
C TYR A 844 -20.62 -10.30 19.19
N ASP A 845 -20.67 -11.29 18.30
CA ASP A 845 -21.69 -12.35 18.35
C ASP A 845 -20.97 -13.37 19.22
N ASN A 846 -20.20 -14.28 18.62
CA ASN A 846 -19.35 -15.19 19.35
C ASN A 846 -17.87 -14.85 19.09
N LEU A 847 -17.25 -14.15 20.05
CA LEU A 847 -15.84 -13.81 19.98
C LEU A 847 -15.08 -15.14 20.07
N THR A 848 -14.25 -15.40 19.07
CA THR A 848 -13.57 -16.69 18.90
C THR A 848 -12.11 -16.46 18.58
N PHE A 849 -11.22 -17.33 19.07
CA PHE A 849 -9.79 -17.24 18.73
C PHE A 849 -9.35 -18.55 18.08
N ARG A 850 -9.01 -18.46 16.81
CA ARG A 850 -8.54 -19.61 16.04
C ARG A 850 -7.05 -19.73 16.29
N VAL A 851 -6.60 -20.93 16.63
CA VAL A 851 -5.21 -21.18 17.03
C VAL A 851 -4.63 -22.38 16.31
N TYR A 852 -3.44 -22.19 15.76
CA TYR A 852 -2.68 -23.24 15.07
C TYR A 852 -1.42 -23.49 15.93
N PRO A 853 -1.51 -24.39 16.96
CA PRO A 853 -0.44 -24.57 17.92
C PRO A 853 0.89 -24.94 17.31
N SER A 854 1.96 -24.23 17.72
CA SER A 854 3.31 -24.48 17.27
C SER A 854 4.27 -23.79 18.23
N GLY A 855 4.88 -24.55 19.12
CA GLY A 855 5.75 -23.94 20.11
C GLY A 855 4.98 -22.96 20.99
N ASP A 856 5.65 -21.86 21.35
CA ASP A 856 5.04 -20.85 22.20
C ASP A 856 4.73 -19.66 21.31
N SER A 857 3.47 -19.27 21.30
CA SER A 857 3.07 -18.12 20.52
C SER A 857 2.25 -17.18 21.42
N GLU A 858 2.31 -15.90 21.12
N GLU A 858 2.30 -15.90 21.11
CA GLU A 858 1.59 -14.87 21.86
CA GLU A 858 1.59 -14.87 21.87
C GLU A 858 0.86 -13.97 20.86
C GLU A 858 0.92 -13.90 20.88
N TYR A 859 -0.15 -13.24 21.32
CA TYR A 859 -0.88 -12.29 20.48
C TYR A 859 -1.54 -11.24 21.35
N SER A 860 -1.51 -9.99 20.91
N SER A 860 -1.49 -9.99 20.90
CA SER A 860 -2.15 -8.91 21.64
CA SER A 860 -2.13 -8.88 21.60
C SER A 860 -3.36 -8.45 20.84
C SER A 860 -3.37 -8.48 20.80
N PHE A 861 -4.54 -8.81 21.31
CA PHE A 861 -5.80 -8.47 20.67
C PHE A 861 -6.29 -7.08 21.05
N TYR A 862 -6.68 -6.29 20.05
CA TYR A 862 -7.26 -4.96 20.28
C TYR A 862 -8.78 -5.08 20.40
N ASP A 863 -9.24 -5.07 21.64
CA ASP A 863 -10.63 -5.26 21.99
C ASP A 863 -11.32 -3.90 21.94
N ASP A 864 -11.53 -3.39 20.72
CA ASP A 864 -12.13 -2.07 20.60
C ASP A 864 -13.56 -2.01 21.10
N VAL A 865 -14.28 -3.14 21.07
CA VAL A 865 -15.65 -3.18 21.57
C VAL A 865 -15.73 -2.82 23.07
N ASN A 866 -14.67 -3.14 23.82
CA ASN A 866 -14.62 -2.90 25.24
C ASN A 866 -13.50 -1.90 25.59
N GLY A 867 -13.68 -0.66 25.13
CA GLY A 867 -12.76 0.45 25.45
C GLY A 867 -11.37 0.41 24.84
N GLY A 868 -11.09 -0.58 23.99
CA GLY A 868 -9.79 -0.66 23.35
C GLY A 868 -8.70 -1.28 24.20
N GLU A 869 -9.08 -2.09 25.18
CA GLU A 869 -8.11 -2.81 26.02
C GLU A 869 -7.35 -3.86 25.21
N MSE A 870 -6.03 -3.93 25.38
CA MSE A 870 -5.22 -4.95 24.72
C MSE A 870 -5.36 -6.22 25.52
O MSE A 870 -5.09 -6.20 26.70
CB MSE A 870 -3.75 -4.55 24.66
CG MSE A 870 -3.48 -3.25 23.88
SE MSE A 870 -4.23 -3.20 22.03
CE MSE A 870 -3.21 -4.64 21.17
N ARG A 871 -5.79 -7.30 24.88
CA ARG A 871 -5.91 -8.60 25.55
C ARG A 871 -4.73 -9.47 25.11
N ASP A 872 -3.78 -9.72 26.02
CA ASP A 872 -2.59 -10.50 25.72
C ASP A 872 -2.84 -11.99 25.92
N ILE A 873 -2.93 -12.72 24.82
CA ILE A 873 -3.22 -14.15 24.83
C ILE A 873 -1.92 -14.89 24.53
N SER A 874 -1.67 -15.99 25.22
N SER A 874 -1.69 -15.99 25.23
CA SER A 874 -0.50 -16.81 24.91
CA SER A 874 -0.51 -16.82 24.99
C SER A 874 -0.93 -18.25 24.81
C SER A 874 -0.96 -18.26 24.79
N VAL A 875 -0.20 -19.01 24.00
CA VAL A 875 -0.47 -20.42 23.76
C VAL A 875 0.84 -21.18 23.87
N SER A 876 0.80 -22.34 24.53
CA SER A 876 1.98 -23.18 24.68
C SER A 876 1.63 -24.58 24.20
N GLU A 877 2.19 -24.94 23.04
CA GLU A 877 2.02 -26.24 22.43
C GLU A 877 2.95 -27.27 23.05
N ASP A 878 2.37 -28.37 23.47
CA ASP A 878 3.16 -29.44 24.10
C ASP A 878 2.68 -30.81 23.66
N PHE A 879 2.64 -31.00 22.35
CA PHE A 879 2.20 -32.21 21.72
C PHE A 879 3.01 -33.42 22.17
N ALA A 880 4.31 -33.24 22.41
CA ALA A 880 5.15 -34.33 22.95
C ALA A 880 4.58 -34.96 24.23
N ASN A 881 3.84 -34.17 25.03
CA ASN A 881 3.15 -34.66 26.23
C ASN A 881 1.60 -34.64 26.06
N GLU A 882 1.13 -34.62 24.83
CA GLU A 882 -0.31 -34.67 24.49
C GLU A 882 -1.09 -33.49 25.09
N LYS A 883 -0.52 -32.28 25.10
CA LYS A 883 -1.13 -31.11 25.74
C LYS A 883 -0.96 -29.81 24.93
N VAL A 884 -1.97 -28.95 24.98
CA VAL A 884 -1.88 -27.55 24.47
C VAL A 884 -2.49 -26.69 25.56
N SER A 885 -1.77 -25.65 25.96
CA SER A 885 -2.23 -24.77 27.02
C SER A 885 -2.44 -23.36 26.50
N VAL A 886 -3.52 -22.73 26.92
CA VAL A 886 -3.88 -21.37 26.54
C VAL A 886 -4.05 -20.54 27.81
N ASP A 887 -3.31 -19.43 27.90
CA ASP A 887 -3.45 -18.49 29.01
C ASP A 887 -4.31 -17.34 28.50
N LEU A 888 -5.59 -17.41 28.83
CA LEU A 888 -6.58 -16.41 28.42
C LEU A 888 -6.59 -15.30 29.45
N PRO A 889 -6.39 -14.05 29.04
CA PRO A 889 -6.45 -13.01 30.05
C PRO A 889 -7.91 -12.67 30.41
N ALA A 890 -8.10 -11.72 31.33
CA ALA A 890 -9.44 -11.26 31.67
C ALA A 890 -10.10 -10.71 30.40
N MSE A 891 -11.37 -11.03 30.21
CA MSE A 891 -12.11 -10.57 29.05
C MSE A 891 -13.41 -10.04 29.51
O MSE A 891 -13.86 -10.36 30.60
CB MSE A 891 -12.46 -11.73 28.12
CG MSE A 891 -11.25 -12.56 27.74
SE MSE A 891 -10.08 -11.58 26.47
CE MSE A 891 -11.27 -11.56 24.90
N ALA A 892 -14.07 -9.27 28.67
CA ALA A 892 -15.38 -8.75 28.98
C ALA A 892 -16.45 -9.62 28.34
N ASP A 893 -16.05 -10.51 27.43
CA ASP A 893 -17.00 -11.39 26.74
C ASP A 893 -16.69 -12.87 26.92
N GLU A 894 -17.71 -13.68 26.67
CA GLU A 894 -17.60 -15.12 26.59
C GLU A 894 -16.64 -15.38 25.42
N THR A 895 -15.72 -16.34 25.57
CA THR A 895 -14.77 -16.65 24.48
C THR A 895 -14.80 -18.10 24.06
N THR A 896 -14.56 -18.32 22.78
CA THR A 896 -14.47 -19.65 22.23
C THR A 896 -13.11 -19.83 21.56
N MSE A 897 -12.34 -20.78 22.04
CA MSE A 897 -11.07 -21.10 21.38
C MSE A 897 -11.41 -22.09 20.29
O MSE A 897 -12.29 -22.90 20.49
CB MSE A 897 -10.11 -21.82 22.33
CG MSE A 897 -9.80 -21.09 23.64
SE MSE A 897 -9.12 -19.25 23.31
CE MSE A 897 -7.62 -19.77 22.14
N GLN A 898 -10.77 -21.98 19.12
CA GLN A 898 -10.86 -23.03 18.08
C GLN A 898 -9.40 -23.46 17.83
N VAL A 899 -9.02 -24.57 18.42
CA VAL A 899 -7.65 -25.05 18.38
C VAL A 899 -7.48 -26.25 17.44
N PHE A 900 -6.57 -26.12 16.47
CA PHE A 900 -6.27 -27.16 15.49
C PHE A 900 -5.50 -28.28 16.18
N SER A 901 -6.15 -29.43 16.34
CA SER A 901 -5.54 -30.57 17.00
C SER A 901 -6.38 -31.82 16.79
N THR A 902 -5.98 -32.94 17.40
CA THR A 902 -6.84 -34.11 17.38
C THR A 902 -7.81 -33.95 18.58
N GLU A 903 -8.75 -34.86 18.70
CA GLU A 903 -9.77 -34.76 19.74
C GLU A 903 -9.21 -34.92 21.15
N PRO A 904 -9.50 -33.98 22.07
CA PRO A 904 -8.98 -34.29 23.42
C PRO A 904 -9.71 -35.38 24.16
N THR A 905 -9.05 -35.89 25.18
CA THR A 905 -9.64 -36.84 26.12
C THR A 905 -10.22 -36.05 27.30
N SER A 906 -9.77 -34.80 27.47
CA SER A 906 -10.31 -33.90 28.50
C SER A 906 -9.81 -32.47 28.28
N VAL A 907 -10.54 -31.52 28.85
CA VAL A 907 -10.18 -30.11 28.78
C VAL A 907 -10.46 -29.51 30.15
N THR A 908 -9.46 -28.80 30.69
CA THR A 908 -9.61 -28.16 31.99
C THR A 908 -9.51 -26.65 31.87
N ILE A 909 -10.25 -25.94 32.72
CA ILE A 909 -10.14 -24.49 32.84
C ILE A 909 -9.87 -24.30 34.33
N ASP A 910 -8.71 -23.72 34.62
CA ASP A 910 -8.23 -23.53 35.99
C ASP A 910 -8.13 -24.86 36.75
N GLY A 911 -7.83 -25.95 36.05
CA GLY A 911 -7.68 -27.26 36.72
C GLY A 911 -8.96 -28.03 36.95
N ALA A 912 -10.10 -27.49 36.50
CA ALA A 912 -11.38 -28.17 36.65
C ALA A 912 -11.83 -28.64 35.27
N ASP A 913 -12.32 -29.87 35.16
CA ASP A 913 -12.75 -30.37 33.85
C ASP A 913 -13.97 -29.60 33.36
N VAL A 914 -14.01 -29.32 32.06
CA VAL A 914 -15.21 -28.71 31.46
C VAL A 914 -15.90 -29.83 30.68
N ALA A 915 -17.22 -29.72 30.56
CA ALA A 915 -18.03 -30.77 29.96
C ALA A 915 -17.93 -30.88 28.45
N LYS A 916 -17.79 -32.12 27.99
CA LYS A 916 -17.78 -32.45 26.59
C LYS A 916 -19.20 -32.36 26.01
N ALA A 917 -19.35 -31.58 24.95
CA ALA A 917 -20.63 -31.41 24.24
C ALA A 917 -20.57 -32.25 22.98
N ASP A 918 -21.54 -33.16 22.82
CA ASP A 918 -21.59 -34.05 21.65
C ASP A 918 -21.98 -33.35 20.35
N THR A 919 -22.76 -32.29 20.45
CA THR A 919 -23.19 -31.59 19.25
C THR A 919 -22.98 -30.13 19.43
N LEU A 920 -22.99 -29.45 18.30
CA LEU A 920 -22.82 -28.02 18.23
C LEU A 920 -23.97 -27.29 18.91
N ASP A 921 -25.20 -27.78 18.80
CA ASP A 921 -26.31 -27.15 19.52
C ASP A 921 -26.04 -27.19 21.02
N ALA A 922 -25.62 -28.34 21.51
CA ALA A 922 -25.31 -28.51 22.94
C ALA A 922 -24.15 -27.61 23.32
N PHE A 923 -23.16 -27.50 22.44
CA PHE A 923 -22.02 -26.62 22.70
C PHE A 923 -22.48 -25.18 22.88
N ASN A 924 -23.37 -24.73 21.98
CA ASN A 924 -23.92 -23.40 22.05
C ASN A 924 -24.72 -23.15 23.33
N GLU A 925 -25.57 -24.07 23.72
CA GLU A 925 -26.35 -23.84 24.93
C GLU A 925 -25.50 -23.87 26.22
N ALA A 926 -24.35 -24.54 26.21
CA ALA A 926 -23.49 -24.60 27.39
C ALA A 926 -22.86 -23.25 27.74
N THR A 927 -22.56 -23.09 29.02
CA THR A 927 -21.92 -21.87 29.55
C THR A 927 -20.40 -22.03 29.43
N THR A 928 -19.92 -23.26 29.67
CA THR A 928 -18.53 -23.63 29.43
C THR A 928 -18.57 -25.05 28.89
N GLY A 929 -17.49 -25.44 28.22
CA GLY A 929 -17.39 -26.78 27.64
C GLY A 929 -16.43 -26.84 26.46
N TYR A 930 -16.42 -28.01 25.82
CA TYR A 930 -15.63 -28.24 24.64
C TYR A 930 -16.37 -29.13 23.67
N TYR A 931 -16.04 -28.95 22.39
CA TYR A 931 -16.65 -29.70 21.32
C TYR A 931 -15.61 -29.85 20.23
N TYR A 932 -15.58 -31.02 19.60
CA TYR A 932 -14.60 -31.29 18.56
C TYR A 932 -15.23 -31.26 17.18
N ASP A 933 -14.83 -30.33 16.32
CA ASP A 933 -15.34 -30.30 14.99
C ASP A 933 -14.52 -31.29 14.16
N THR A 934 -15.12 -32.39 13.73
CA THR A 934 -14.40 -33.46 12.99
C THR A 934 -13.99 -33.07 11.57
N VAL A 935 -14.78 -32.22 10.95
CA VAL A 935 -14.50 -31.77 9.59
C VAL A 935 -13.31 -30.84 9.48
N GLN A 936 -13.22 -29.89 10.43
CA GLN A 936 -12.16 -28.89 10.50
C GLN A 936 -11.01 -29.32 11.42
N ASN A 937 -11.14 -30.40 12.15
CA ASN A 937 -10.11 -30.68 13.08
C ASN A 937 -9.84 -29.58 14.07
N LEU A 938 -10.91 -29.12 14.68
CA LEU A 938 -10.83 -28.04 15.63
C LEU A 938 -11.55 -28.36 16.89
N THR A 939 -10.85 -28.13 18.00
CA THR A 939 -11.41 -28.29 19.30
C THR A 939 -11.93 -26.92 19.77
N TYR A 940 -13.24 -26.80 19.95
CA TYR A 940 -13.82 -25.59 20.46
C TYR A 940 -13.80 -25.69 21.99
N VAL A 941 -13.41 -24.61 22.65
CA VAL A 941 -13.40 -24.56 24.11
C VAL A 941 -14.04 -23.23 24.49
N LYS A 942 -15.12 -23.29 25.25
CA LYS A 942 -15.83 -22.08 25.65
C LYS A 942 -15.55 -21.70 27.09
N ALA A 943 -15.10 -20.45 27.28
CA ALA A 943 -14.83 -19.88 28.58
C ALA A 943 -15.75 -18.68 28.80
N ALA A 944 -16.25 -18.56 30.03
CA ALA A 944 -17.10 -17.45 30.45
C ALA A 944 -16.24 -16.23 30.68
N ALA A 945 -16.87 -15.07 30.66
CA ALA A 945 -16.18 -13.81 30.90
C ALA A 945 -15.78 -13.71 32.39
N LYS A 946 -14.55 -13.27 32.67
CA LYS A 946 -14.05 -13.09 34.03
C LYS A 946 -13.02 -12.00 34.13
N ASP A 947 -12.95 -11.35 35.29
CA ASP A 947 -11.95 -10.32 35.56
C ASP A 947 -10.69 -11.00 36.09
N ALA A 948 -10.25 -12.07 35.46
CA ALA A 948 -9.05 -12.77 35.92
C ALA A 948 -8.56 -13.68 34.81
N LYS A 949 -7.26 -13.97 34.81
CA LYS A 949 -6.66 -14.86 33.83
C LYS A 949 -7.37 -16.20 33.98
N GLN A 950 -7.50 -16.98 32.91
CA GLN A 950 -8.04 -18.33 32.98
C GLN A 950 -7.05 -19.26 32.28
N ALA A 951 -6.66 -20.34 32.95
CA ALA A 951 -5.70 -21.31 32.39
C ALA A 951 -6.45 -22.47 31.77
N ILE A 952 -6.43 -22.52 30.44
CA ILE A 952 -7.07 -23.60 29.70
C ILE A 952 -6.05 -24.65 29.29
N VAL A 953 -6.36 -25.92 29.51
CA VAL A 953 -5.46 -27.01 29.12
C VAL A 953 -6.23 -28.09 28.37
N LEU A 954 -5.71 -28.48 27.21
CA LEU A 954 -6.33 -29.51 26.41
C LEU A 954 -5.47 -30.72 26.54
N ASN A 955 -6.00 -31.78 27.14
CA ASN A 955 -5.25 -32.98 27.35
C ASN A 955 -5.50 -34.06 26.30
N GLY A 956 -4.46 -34.85 26.02
CA GLY A 956 -4.56 -36.03 25.15
C GLY A 956 -4.63 -35.64 23.70
N VAL A 957 -4.15 -34.46 23.40
CA VAL A 957 -4.20 -33.97 22.04
C VAL A 957 -2.90 -34.13 21.29
N ASN A 958 -3.00 -34.27 19.94
CA ASN A 958 -1.83 -34.38 19.10
C ASN A 958 -2.02 -33.39 18.00
N HIS A 959 -0.97 -33.23 17.25
CA HIS A 959 -1.04 -32.34 16.05
C HIS A 959 -2.22 -32.73 15.15
N ALA A 960 -2.86 -31.79 14.41
CA ALA A 960 -4.09 -32.19 13.71
C ALA A 960 -3.76 -33.24 12.71
N PRO A 961 -4.74 -34.04 12.29
CA PRO A 961 -4.51 -35.09 11.31
C PRO A 961 -4.12 -34.59 9.98
N TYR A 962 -3.34 -35.39 9.24
CA TYR A 962 -3.07 -35.11 7.85
C TYR A 962 -4.11 -35.97 7.11
N GLU A 963 -5.11 -35.31 6.54
CA GLU A 963 -6.19 -36.02 5.86
C GLU A 963 -5.71 -36.60 4.51
N ALA A 964 -6.07 -37.86 4.30
CA ALA A 964 -5.72 -38.61 3.10
C ALA A 964 -6.37 -37.93 1.88
N GLU A 965 -7.60 -37.47 2.02
CA GLU A 965 -8.30 -36.78 0.93
C GLU A 965 -7.68 -35.45 0.55
N PHE A 966 -6.81 -34.92 1.41
CA PHE A 966 -6.08 -33.72 1.04
C PHE A 966 -4.67 -34.09 0.54
N GLY A 967 -4.30 -35.37 0.52
CA GLY A 967 -2.99 -35.77 0.02
C GLY A 967 -2.84 -35.72 -1.50
N HIS A 968 -1.64 -36.00 -2.02
CA HIS A 968 -1.43 -36.05 -3.46
C HIS A 968 -1.87 -37.43 -3.86
N LEU A 969 -2.90 -37.49 -4.69
CA LEU A 969 -3.49 -38.78 -5.02
C LEU A 969 -3.10 -39.24 -6.41
N THR A 970 -2.84 -40.54 -6.54
CA THR A 970 -2.53 -41.12 -7.84
C THR A 970 -3.47 -42.30 -8.09
N ASN A 971 -4.32 -42.12 -9.11
CA ASN A 971 -5.28 -43.14 -9.58
C ASN A 971 -6.25 -43.68 -8.55
N VAL A 972 -6.60 -42.82 -7.61
CA VAL A 972 -7.53 -43.19 -6.55
C VAL A 972 -8.38 -41.95 -6.22
N THR A 973 -9.62 -42.16 -5.80
CA THR A 973 -10.50 -41.07 -5.46
C THR A 973 -11.03 -41.15 -4.02
N THR A 974 -11.71 -40.09 -3.62
CA THR A 974 -12.26 -39.93 -2.29
C THR A 974 -13.76 -40.20 -2.20
N ALA A 975 -14.24 -40.48 -1.00
CA ALA A 975 -15.67 -40.68 -0.80
C ALA A 975 -15.99 -40.26 0.62
N SER A 976 -17.26 -40.23 0.98
CA SER A 976 -17.66 -39.84 2.33
C SER A 976 -18.93 -40.55 2.77
N ASP A 977 -19.15 -41.75 2.23
CA ASP A 977 -20.40 -42.49 2.47
C ASP A 977 -20.44 -43.31 3.75
N HIS A 978 -19.31 -43.51 4.41
CA HIS A 978 -19.28 -44.21 5.70
C HIS A 978 -18.90 -43.20 6.76
N ALA A 979 -19.80 -42.93 7.68
CA ALA A 979 -19.59 -41.91 8.72
C ALA A 979 -18.49 -42.22 9.72
N GLY A 980 -18.03 -41.18 10.42
CA GLY A 980 -16.98 -41.31 11.47
C GLY A 980 -15.58 -40.85 11.09
N TYR A 981 -15.39 -40.55 9.81
CA TYR A 981 -14.13 -40.06 9.29
C TYR A 981 -13.87 -38.63 9.77
N THR A 982 -12.60 -38.21 9.75
CA THR A 982 -12.26 -36.83 10.05
C THR A 982 -12.07 -36.16 8.69
N GLY A 983 -12.08 -34.84 8.71
CA GLY A 983 -11.99 -34.07 7.49
C GLY A 983 -13.28 -34.22 6.70
N THR A 984 -13.16 -34.15 5.38
CA THR A 984 -14.35 -34.19 4.51
C THR A 984 -14.66 -35.59 4.02
N GLY A 985 -13.84 -36.58 4.32
CA GLY A 985 -14.12 -37.91 3.85
C GLY A 985 -12.88 -38.74 3.99
N PHE A 986 -12.61 -39.58 2.99
CA PHE A 986 -11.46 -40.52 3.02
C PHE A 986 -11.12 -40.98 1.62
N VAL A 987 -9.99 -41.67 1.47
CA VAL A 987 -9.59 -42.19 0.16
C VAL A 987 -10.23 -43.57 0.10
N ALA A 988 -10.95 -43.84 -0.99
CA ALA A 988 -11.76 -45.06 -1.12
C ALA A 988 -11.13 -46.19 -1.95
N GLY A 989 -11.04 -47.40 -1.37
CA GLY A 989 -10.50 -48.59 -2.05
C GLY A 989 -8.99 -48.72 -1.98
N PHE A 990 -8.34 -47.87 -2.76
CA PHE A 990 -6.91 -47.75 -2.77
C PHE A 990 -6.33 -49.16 -2.87
N ASP A 991 -6.88 -49.94 -3.78
CA ASP A 991 -6.58 -51.37 -3.86
C ASP A 991 -6.05 -51.88 -5.20
N ALA A 992 -5.33 -51.05 -5.93
CA ALA A 992 -4.76 -51.52 -7.20
C ALA A 992 -3.38 -50.94 -7.39
N GLU A 993 -2.52 -51.66 -8.10
CA GLU A 993 -1.16 -51.21 -8.32
C GLU A 993 -1.13 -49.87 -8.99
N LYS A 994 -0.14 -49.07 -8.57
CA LYS A 994 0.09 -47.71 -9.05
C LYS A 994 -0.90 -46.69 -8.48
N GLU A 995 -1.76 -47.15 -7.57
CA GLU A 995 -2.59 -46.25 -6.81
C GLU A 995 -1.72 -45.85 -5.61
N ALA A 996 -1.65 -44.55 -5.34
CA ALA A 996 -0.83 -44.05 -4.23
C ALA A 996 -1.41 -42.77 -3.63
N VAL A 997 -1.04 -42.52 -2.38
CA VAL A 997 -1.43 -41.34 -1.61
C VAL A 997 -0.16 -40.86 -0.94
N GLU A 998 0.23 -39.63 -1.22
CA GLU A 998 1.47 -39.07 -0.72
C GLU A 998 1.17 -37.89 0.15
N PHE A 999 1.77 -37.89 1.34
CA PHE A 999 1.60 -36.76 2.24
C PHE A 999 2.84 -35.88 2.33
N ASP A 1000 2.64 -34.63 2.74
CA ASP A 1000 3.76 -33.71 3.01
C ASP A 1000 3.70 -33.53 4.51
N ILE A 1001 4.51 -34.29 5.25
CA ILE A 1001 4.47 -34.31 6.72
C ILE A 1001 5.63 -33.59 7.40
N ASP A 1002 5.32 -32.81 8.42
CA ASP A 1002 6.31 -32.11 9.21
C ASP A 1002 6.57 -32.86 10.50
N ALA A 1003 7.83 -32.87 10.91
CA ALA A 1003 8.23 -33.39 12.20
C ALA A 1003 7.66 -32.38 13.20
N VAL A 1004 6.90 -32.87 14.16
CA VAL A 1004 6.29 -31.99 15.19
C VAL A 1004 7.38 -31.22 16.00
N ASP A 1005 8.48 -31.89 16.35
CA ASP A 1005 9.56 -31.30 17.19
C ASP A 1005 10.98 -31.63 16.74
N GLY A 1006 11.30 -31.33 15.51
CA GLY A 1006 12.63 -31.64 15.01
C GLY A 1006 12.83 -33.11 14.66
N ALA A 1007 14.02 -33.39 14.12
CA ALA A 1007 14.37 -34.70 13.61
C ALA A 1007 14.35 -35.66 14.75
N SER A 1008 13.64 -36.78 14.57
CA SER A 1008 13.46 -37.79 15.62
C SER A 1008 12.60 -38.93 15.12
N ASP A 1009 12.52 -39.96 15.93
CA ASP A 1009 11.58 -41.04 15.69
C ASP A 1009 10.24 -40.54 16.20
N TYR A 1010 9.17 -41.04 15.58
CA TYR A 1010 7.82 -40.67 15.96
C TYR A 1010 6.92 -41.87 15.74
N THR A 1011 5.70 -41.80 16.24
CA THR A 1011 4.70 -42.80 15.93
C THR A 1011 3.72 -42.15 14.95
N MSE A 1012 3.46 -42.85 13.84
CA MSE A 1012 2.45 -42.45 12.87
C MSE A 1012 1.23 -43.31 13.03
O MSE A 1012 1.30 -44.50 12.78
CB MSE A 1012 2.95 -42.73 11.45
CG MSE A 1012 2.01 -42.12 10.44
SE MSE A 1012 2.76 -42.20 8.63
CE MSE A 1012 3.20 -44.14 8.65
N GLU A 1013 0.12 -42.73 13.45
CA GLU A 1013 -1.17 -43.42 13.48
C GLU A 1013 -1.76 -43.40 12.07
N VAL A 1014 -2.18 -44.56 11.60
CA VAL A 1014 -2.86 -44.71 10.33
C VAL A 1014 -4.35 -45.06 10.59
N ARG A 1015 -5.26 -44.13 10.25
CA ARG A 1015 -6.69 -44.44 10.44
C ARG A 1015 -7.37 -44.90 9.15
N TYR A 1016 -7.94 -46.10 9.25
CA TYR A 1016 -8.57 -46.71 8.09
C TYR A 1016 -9.75 -47.60 8.44
N SER A 1017 -10.44 -48.06 7.41
CA SER A 1017 -11.45 -49.12 7.59
C SER A 1017 -11.09 -50.21 6.58
N ALA A 1018 -11.26 -51.47 6.98
CA ALA A 1018 -11.04 -52.65 6.10
C ALA A 1018 -12.11 -53.66 6.48
N GLY A 1019 -13.32 -53.43 6.01
CA GLY A 1019 -14.47 -54.21 6.46
C GLY A 1019 -14.58 -55.64 6.01
N VAL A 1020 -13.85 -56.03 4.97
CA VAL A 1020 -13.94 -57.38 4.40
C VAL A 1020 -12.85 -58.33 4.87
N GLU A 1021 -11.60 -57.86 4.89
CA GLU A 1021 -10.43 -58.71 5.22
C GLU A 1021 -9.20 -57.87 5.60
N ASP A 1022 -8.21 -58.52 6.19
CA ASP A 1022 -6.95 -57.87 6.55
C ASP A 1022 -6.31 -57.28 5.28
N ALA A 1023 -5.56 -56.20 5.46
CA ALA A 1023 -4.91 -55.56 4.32
C ALA A 1023 -3.47 -55.21 4.69
N THR A 1024 -2.70 -54.86 3.65
CA THR A 1024 -1.34 -54.37 3.82
C THR A 1024 -1.13 -53.28 2.80
N ARG A 1025 -0.29 -52.32 3.16
CA ARG A 1025 0.11 -51.25 2.25
C ARG A 1025 1.59 -51.04 2.39
N THR A 1026 2.20 -50.42 1.38
CA THR A 1026 3.64 -50.14 1.45
C THR A 1026 3.81 -48.67 1.69
N VAL A 1027 4.66 -48.34 2.66
CA VAL A 1027 4.94 -46.97 3.01
C VAL A 1027 6.42 -46.57 2.81
N TYR A 1028 6.64 -45.42 2.18
CA TYR A 1028 7.98 -44.91 2.02
C TYR A 1028 8.11 -43.59 2.79
N ILE A 1029 9.13 -43.52 3.64
CA ILE A 1029 9.45 -42.32 4.46
C ILE A 1029 10.75 -41.71 3.94
N ASN A 1030 10.69 -40.59 3.22
CA ASN A 1030 11.94 -40.08 2.64
C ASN A 1030 12.76 -41.17 1.92
N GLY A 1031 12.06 -42.08 1.24
CA GLY A 1031 12.64 -43.12 0.37
C GLY A 1031 12.82 -44.46 1.09
N LYS A 1032 12.61 -44.43 2.38
CA LYS A 1032 12.83 -45.66 3.13
C LYS A 1032 11.51 -46.43 3.27
N LYS A 1033 11.55 -47.68 2.80
CA LYS A 1033 10.37 -48.55 2.67
C LYS A 1033 10.05 -49.40 3.88
N GLN A 1034 8.78 -49.54 4.22
CA GLN A 1034 8.34 -50.57 5.20
C GLN A 1034 6.94 -51.01 4.81
N GLN A 1035 6.58 -52.24 5.14
CA GLN A 1035 5.24 -52.70 4.85
C GLN A 1035 4.41 -52.67 6.14
N ILE A 1036 3.17 -52.22 6.08
CA ILE A 1036 2.33 -52.18 7.30
C ILE A 1036 1.11 -53.08 7.18
N THR A 1037 0.68 -53.62 8.31
CA THR A 1037 -0.48 -54.55 8.36
C THR A 1037 -1.67 -53.74 8.89
N LEU A 1038 -2.81 -53.90 8.25
CA LEU A 1038 -4.03 -53.16 8.64
C LEU A 1038 -5.12 -54.16 8.81
N PRO A 1039 -5.25 -54.79 10.03
CA PRO A 1039 -6.26 -55.77 10.14
C PRO A 1039 -7.72 -55.38 9.88
N LYS A 1040 -8.49 -56.41 9.51
CA LYS A 1040 -9.93 -56.32 9.26
C LYS A 1040 -10.67 -55.55 10.37
N THR A 1041 -11.60 -54.69 9.97
CA THR A 1041 -12.48 -54.01 10.90
C THR A 1041 -13.84 -54.72 10.79
N ALA A 1042 -14.70 -54.57 11.79
CA ALA A 1042 -16.00 -55.25 11.81
C ALA A 1042 -16.84 -55.03 10.55
N ASN A 1043 -16.76 -53.83 9.97
CA ASN A 1043 -17.53 -53.49 8.78
C ASN A 1043 -16.95 -52.19 8.26
N TRP A 1044 -17.49 -51.68 7.15
CA TRP A 1044 -16.99 -50.42 6.61
C TRP A 1044 -17.43 -49.15 7.37
N ASP A 1045 -18.30 -49.32 8.36
CA ASP A 1045 -18.71 -48.17 9.17
C ASP A 1045 -17.87 -48.16 10.44
N THR A 1046 -16.82 -48.97 10.46
CA THR A 1046 -15.96 -49.06 11.62
C THR A 1046 -14.53 -48.75 11.23
N TRP A 1047 -13.97 -47.77 11.94
CA TRP A 1047 -12.63 -47.32 11.78
C TRP A 1047 -11.73 -47.89 12.88
N ASN A 1048 -10.45 -48.12 12.52
CA ASN A 1048 -9.41 -48.57 13.42
C ASN A 1048 -8.15 -47.76 13.15
N THR A 1049 -7.28 -47.71 14.15
CA THR A 1049 -6.01 -47.03 14.04
C THR A 1049 -4.83 -47.98 14.30
N VAL A 1050 -3.84 -47.92 13.43
CA VAL A 1050 -2.59 -48.64 13.53
C VAL A 1050 -1.41 -47.67 13.70
N GLU A 1051 -0.55 -47.99 14.66
CA GLU A 1051 0.62 -47.21 14.98
C GLU A 1051 1.86 -47.76 14.30
N VAL A 1052 2.51 -46.91 13.51
CA VAL A 1052 3.70 -47.29 12.78
C VAL A 1052 4.90 -46.43 13.19
N PRO A 1053 6.05 -47.05 13.49
CA PRO A 1053 7.26 -46.30 13.84
C PRO A 1053 7.90 -45.68 12.61
N VAL A 1054 8.15 -44.38 12.69
CA VAL A 1054 8.77 -43.63 11.61
C VAL A 1054 9.89 -42.79 12.19
N THR A 1055 10.80 -42.42 11.32
CA THR A 1055 11.90 -41.53 11.60
C THR A 1055 11.76 -40.34 10.65
N LEU A 1056 11.47 -39.18 11.22
CA LEU A 1056 11.27 -37.99 10.45
C LEU A 1056 12.45 -37.07 10.68
N GLN A 1057 12.69 -36.25 9.69
CA GLN A 1057 13.77 -35.29 9.76
C GLN A 1057 13.18 -33.90 9.67
N ALA A 1058 14.04 -32.90 9.80
CA ALA A 1058 13.59 -31.52 9.71
C ALA A 1058 12.96 -31.22 8.35
N GLY A 1059 12.07 -30.24 8.35
CA GLY A 1059 11.41 -29.83 7.12
C GLY A 1059 10.29 -30.75 6.68
N ASN A 1060 10.14 -30.82 5.37
CA ASN A 1060 9.11 -31.59 4.72
C ASN A 1060 9.51 -33.05 4.57
N ASN A 1061 8.72 -33.94 5.14
CA ASN A 1061 8.98 -35.38 5.01
C ASN A 1061 7.99 -35.94 4.01
N GLN A 1062 8.50 -36.60 2.97
CA GLN A 1062 7.67 -37.21 1.97
C GLN A 1062 7.28 -38.57 2.50
N VAL A 1063 5.99 -38.78 2.76
CA VAL A 1063 5.45 -40.04 3.26
C VAL A 1063 4.52 -40.53 2.17
N VAL A 1064 4.94 -41.54 1.44
CA VAL A 1064 4.16 -42.07 0.34
C VAL A 1064 3.57 -43.44 0.69
N PHE A 1065 2.24 -43.57 0.64
CA PHE A 1065 1.57 -44.86 0.77
C PHE A 1065 1.27 -45.40 -0.63
N ASP A 1066 1.77 -46.59 -0.93
CA ASP A 1066 1.56 -47.29 -2.22
C ASP A 1066 0.88 -48.65 -2.01
N PHE A 1067 0.23 -49.12 -3.07
CA PHE A 1067 -0.33 -50.50 -3.13
C PHE A 1067 0.56 -51.20 -4.14
N GLU A 1068 1.46 -52.06 -3.67
CA GLU A 1068 2.40 -52.76 -4.55
C GLU A 1068 1.97 -54.15 -4.84
N ALA A 1069 2.68 -54.83 -5.72
CA ALA A 1069 2.36 -56.18 -6.15
C ALA A 1069 2.09 -57.15 -4.98
N ASP A 1070 2.92 -57.10 -3.95
CA ASP A 1070 2.77 -57.96 -2.76
C ASP A 1070 1.79 -57.42 -1.70
N ASP A 1071 1.07 -56.34 -2.01
CA ASP A 1071 0.08 -55.81 -1.07
C ASP A 1071 -1.27 -56.41 -1.34
N THR A 1072 -2.20 -56.22 -0.42
CA THR A 1072 -3.50 -56.86 -0.58
C THR A 1072 -4.67 -56.09 0.05
N ALA A 1073 -5.83 -56.33 -0.56
CA ALA A 1073 -7.12 -55.88 -0.07
C ALA A 1073 -7.43 -54.39 -0.10
N GLY A 1074 -8.72 -54.09 -0.14
CA GLY A 1074 -9.17 -52.70 -0.21
C GLY A 1074 -9.34 -52.16 1.19
N ILE A 1075 -9.10 -50.85 1.32
CA ILE A 1075 -9.35 -50.17 2.57
C ILE A 1075 -9.94 -48.80 2.21
N ASN A 1076 -10.37 -48.09 3.25
CA ASN A 1076 -10.77 -46.69 3.17
C ASN A 1076 -9.76 -46.04 4.11
N PHE A 1077 -9.10 -45.02 3.61
CA PHE A 1077 -7.98 -44.39 4.31
C PHE A 1077 -8.41 -43.05 4.77
N ASP A 1078 -8.57 -42.89 6.08
CA ASP A 1078 -9.10 -41.62 6.61
C ASP A 1078 -8.05 -40.50 6.76
N HIS A 1079 -6.98 -40.80 7.48
CA HIS A 1079 -5.91 -39.86 7.84
C HIS A 1079 -4.71 -40.54 8.47
N VAL A 1080 -3.65 -39.75 8.65
CA VAL A 1080 -2.52 -40.20 9.45
C VAL A 1080 -2.28 -39.09 10.49
N VAL A 1081 -1.83 -39.51 11.67
CA VAL A 1081 -1.51 -38.60 12.74
C VAL A 1081 -0.08 -38.88 13.18
N ILE A 1082 0.64 -37.81 13.46
CA ILE A 1082 2.03 -37.90 13.89
C ILE A 1082 2.06 -37.61 15.38
N LYS A 1083 2.69 -38.49 16.15
CA LYS A 1083 2.77 -38.26 17.57
C LYS A 1083 4.08 -38.80 18.07
N LYS A 1084 4.32 -38.68 19.37
CA LYS A 1084 5.59 -39.12 19.97
C LYS A 1084 5.88 -40.62 19.76
C1 GLC B . -17.22 -51.24 -0.18
C2 GLC B . -17.26 -50.00 0.73
C3 GLC B . -16.33 -48.90 0.17
C4 GLC B . -14.95 -49.52 0.00
C5 GLC B . -15.04 -50.75 -0.91
C6 GLC B . -13.71 -51.46 -1.12
O2 GLC B . -18.60 -49.56 0.90
O3 GLC B . -16.32 -47.76 1.01
O4 GLC B . -14.03 -48.61 -0.58
O5 GLC B . -15.90 -51.70 -0.32
O6 GLC B . -13.94 -52.60 -1.96
C1 GLC B . -12.76 -53.12 -2.56
C2 GLC B . -13.10 -54.03 -3.72
C3 GLC B . -13.96 -55.17 -3.19
C4 GLC B . -13.19 -55.90 -2.10
C5 GLC B . -12.78 -54.94 -1.00
C6 GLC B . -11.92 -55.69 0.02
O2 GLC B . -13.74 -53.30 -4.77
O3 GLC B . -14.30 -56.19 -4.13
O4 GLC B . -13.97 -56.89 -1.49
O5 GLC B . -12.05 -53.90 -1.61
O6 GLC B . -10.82 -56.25 -0.68
C1 GLC B . -15.45 -57.00 -4.29
C2 GLC B . -15.28 -57.97 -5.46
C3 GLC B . -15.30 -57.25 -6.81
C4 GLC B . -16.40 -56.19 -6.93
C5 GLC B . -16.50 -55.36 -5.67
C6 GLC B . -17.78 -54.53 -5.65
O2 GLC B . -14.02 -58.61 -5.32
O3 GLC B . -15.49 -58.23 -7.80
O4 GLC B . -16.14 -55.35 -8.05
O5 GLC B . -16.59 -56.20 -4.53
O6 GLC B . -17.53 -53.22 -5.16
C1 GLC B . -18.37 -52.11 -4.89
C2 GLC B . -17.67 -51.34 -3.79
C3 GLC B . -17.86 -52.02 -2.43
C4 GLC B . -19.32 -52.42 -2.21
C5 GLC B . -19.82 -53.26 -3.36
C6 GLC B . -21.28 -53.62 -3.13
O2 GLC B . -16.30 -51.33 -4.19
O3 GLC B . -17.67 -50.95 -1.49
O4 GLC B . -19.56 -53.16 -1.01
O5 GLC B . -19.68 -52.56 -4.58
O6 GLC B . -21.86 -53.84 -4.38
C1 GLC C . -10.21 -32.82 -1.94
C2 GLC C . -11.37 -33.22 -1.03
C3 GLC C . -12.43 -32.12 -0.95
C4 GLC C . -11.75 -30.81 -0.58
C5 GLC C . -10.56 -30.49 -1.47
C6 GLC C . -9.83 -29.28 -0.91
O1 GLC C . -10.55 -32.73 -3.31
O2 GLC C . -11.95 -34.41 -1.48
O3 GLC C . -13.38 -32.40 0.06
O4 GLC C . -12.68 -29.74 -0.66
O5 GLC C . -9.66 -31.57 -1.52
O6 GLC C . -8.83 -29.05 -1.90
C1 GLC C . -8.25 -27.76 -1.79
C2 GLC C . -7.33 -27.45 -3.00
C3 GLC C . -6.10 -28.37 -3.00
C4 GLC C . -5.43 -28.25 -1.63
C5 GLC C . -6.43 -28.61 -0.52
C6 GLC C . -5.86 -28.55 0.90
O2 GLC C . -8.05 -27.55 -4.21
O3 GLC C . -5.20 -28.02 -3.99
O4 GLC C . -4.25 -29.00 -1.61
O5 GLC C . -7.51 -27.68 -0.58
O6 GLC C . -5.41 -27.26 1.21
MG MG D . 12.99 2.32 15.53
MG MG E . -28.57 8.25 -11.31
MG MG F . -22.37 11.97 13.41
MG MG G . 4.12 -10.15 -14.90
MG MG H . 8.00 -25.56 24.18
CA CA I . -10.40 -37.90 6.24
CL CL J . -9.80 -45.31 15.12
CL CL K . 11.26 -44.45 8.66
#